data_5J1W
#
_entry.id   5J1W
#
_cell.length_a   56.630
_cell.length_b   118.040
_cell.length_c   90.500
_cell.angle_alpha   90.00
_cell.angle_beta   99.55
_cell.angle_gamma   90.00
#
_symmetry.space_group_name_H-M   'P 1 21 1'
#
loop_
_entity.id
_entity.type
_entity.pdbx_description
1 polymer 'Dual specificity protein kinase CLK1'
2 non-polymer GLYCEROL
3 non-polymer pyrido[3,4-g]quinazolin-2-amine
4 non-polymer 'PHOSPHATE ION'
5 water water
#
_entity_poly.entity_id   1
_entity_poly.type   'polypeptide(L)'
_entity_poly.pdbx_seq_one_letter_code
;SMHLICQSGDVLSARYEIVDTLGEGAFGKVVECIDHKAGGRHVAVKIVKNVDRYCEAARSEIQVLEHLNTTDPNSTFRCV
QMLEWFEHHGHICIVFELLGLSTYDFIKENGFLPFRLDHIRKMAYQICKSVNFLHSNKLTHTDLKPENILFVQSDYTEAY
NPKIKRDERTLINPDIKVVDFGSATYDDEHHSTLVSTRHYRAPEVILALGWSQPCDVWSIGCILIEYYLGFTVFPTHDSK
EHLAMMERILGPLPKHMIQKTRKRKYFHHDRLDWDEHSSAGRYVSRACKPLKEFMLSQDVEHERLFDLIQKMLEYDPAKR
ITLREALKHPFFDLLKKSI
;
_entity_poly.pdbx_strand_id   A,B,C
#
# COMPACT_ATOMS: atom_id res chain seq x y z
N SER A 1 14.49 36.37 0.38
CA SER A 1 13.30 37.05 0.96
C SER A 1 13.39 37.20 2.48
N MET A 2 13.44 36.08 3.19
CA MET A 2 13.01 36.07 4.59
C MET A 2 13.82 37.00 5.50
N HIS A 3 15.14 37.00 5.37
CA HIS A 3 15.97 37.99 6.03
C HIS A 3 15.27 39.38 5.92
N LEU A 4 14.83 39.74 4.73
CA LEU A 4 14.37 41.10 4.44
C LEU A 4 13.05 41.47 5.06
N ILE A 5 12.32 40.51 5.60
CA ILE A 5 10.95 40.78 6.08
C ILE A 5 10.62 40.20 7.44
N CYS A 6 11.63 39.79 8.19
CA CYS A 6 11.42 39.18 9.51
C CYS A 6 12.21 39.86 10.59
N GLN A 7 12.75 41.06 10.30
CA GLN A 7 13.66 41.76 11.23
C GLN A 7 12.95 42.50 12.34
N SER A 8 13.66 42.71 13.42
CA SER A 8 13.12 43.42 14.55
C SER A 8 12.66 44.83 14.18
N GLY A 9 11.45 45.22 14.60
CA GLY A 9 10.90 46.54 14.23
C GLY A 9 9.98 46.52 13.02
N ASP A 10 10.04 45.46 12.23
CA ASP A 10 9.16 45.34 11.08
C ASP A 10 7.74 45.20 11.55
N VAL A 11 6.81 45.69 10.74
CA VAL A 11 5.41 45.56 11.01
C VAL A 11 4.83 44.62 9.97
N LEU A 12 4.15 43.58 10.40
CA LEU A 12 3.48 42.66 9.50
C LEU A 12 2.00 42.97 9.44
N SER A 13 1.46 43.00 8.23
CA SER A 13 0.02 43.14 8.03
C SER A 13 -0.53 44.38 8.76
N ALA A 14 0.24 45.47 8.76
CA ALA A 14 -0.21 46.70 9.41
C ALA A 14 -0.71 46.50 10.83
N ARG A 15 -0.05 45.63 11.59
CA ARG A 15 -0.61 45.19 12.84
C ARG A 15 0.41 44.63 13.83
N TYR A 16 1.25 43.70 13.38
CA TYR A 16 2.15 43.02 14.29
C TYR A 16 3.55 43.55 14.21
N GLU A 17 4.08 44.12 15.30
CA GLU A 17 5.44 44.60 15.32
C GLU A 17 6.40 43.56 15.88
N ILE A 18 7.35 43.13 15.05
CA ILE A 18 8.30 42.10 15.40
C ILE A 18 9.22 42.60 16.46
N VAL A 19 9.36 41.80 17.52
CA VAL A 19 10.21 42.10 18.65
C VAL A 19 11.50 41.31 18.56
N ASP A 20 11.39 39.99 18.34
CA ASP A 20 12.56 39.14 18.33
C ASP A 20 12.27 37.77 17.73
N THR A 21 13.32 37.03 17.40
CA THR A 21 13.17 35.69 16.87
C THR A 21 13.12 34.65 17.99
N LEU A 22 12.10 33.78 17.96
CA LEU A 22 11.92 32.73 18.95
C LEU A 22 12.54 31.42 18.50
N GLY A 23 12.48 31.12 17.22
CA GLY A 23 13.04 29.93 16.71
C GLY A 23 13.09 29.98 15.21
N GLU A 24 13.94 29.15 14.64
CA GLU A 24 14.00 29.06 13.23
C GLU A 24 14.27 27.65 12.85
N GLY A 25 14.03 27.36 11.59
CA GLY A 25 14.05 26.02 11.10
C GLY A 25 14.20 26.06 9.61
N ALA A 26 14.05 24.90 8.99
CA ALA A 26 14.04 24.82 7.53
C ALA A 26 12.69 25.32 6.99
N PHE A 27 11.65 25.22 7.81
CA PHE A 27 10.35 25.76 7.45
C PHE A 27 10.27 27.31 7.39
N GLY A 28 11.18 28.00 8.09
CA GLY A 28 11.16 29.46 8.17
C GLY A 28 11.43 29.84 9.62
N LYS A 29 10.76 30.87 10.14
CA LYS A 29 10.97 31.26 11.54
C LYS A 29 9.71 31.61 12.28
N VAL A 30 9.84 31.65 13.60
CA VAL A 30 8.81 32.07 14.48
C VAL A 30 9.33 33.29 15.21
N VAL A 31 8.60 34.41 15.13
CA VAL A 31 9.02 35.62 15.80
C VAL A 31 8.01 36.02 16.84
N GLU A 32 8.47 36.66 17.88
CA GLU A 32 7.58 37.27 18.82
C GLU A 32 7.20 38.62 18.27
N CYS A 33 5.90 38.94 18.33
CA CYS A 33 5.40 40.25 17.92
C CYS A 33 4.49 40.90 18.94
N ILE A 34 4.44 42.23 18.88
CA ILE A 34 3.46 43.00 19.59
C ILE A 34 2.28 43.21 18.68
N ASP A 35 1.09 42.83 19.13
CA ASP A 35 -0.10 43.02 18.35
C ASP A 35 -0.74 44.38 18.69
N HIS A 36 -0.54 45.36 17.81
CA HIS A 36 -1.00 46.73 18.05
C HIS A 36 -2.52 46.93 17.93
N LYS A 37 -3.24 46.00 17.30
CA LYS A 37 -4.70 46.08 17.28
C LYS A 37 -5.31 45.45 18.48
N ALA A 38 -4.58 44.62 19.20
CA ALA A 38 -5.11 43.98 20.40
C ALA A 38 -4.45 44.50 21.67
N GLY A 39 -4.21 45.81 21.72
CA GLY A 39 -3.81 46.45 22.96
C GLY A 39 -2.38 46.25 23.36
N GLY A 40 -1.58 45.67 22.48
CA GLY A 40 -0.19 45.39 22.79
C GLY A 40 0.11 43.99 23.19
N ARG A 41 -0.86 43.07 23.14
CA ARG A 41 -0.58 41.66 23.52
C ARG A 41 0.58 41.15 22.65
N HIS A 42 1.49 40.43 23.24
CA HIS A 42 2.49 39.71 22.50
C HIS A 42 1.90 38.45 21.92
N VAL A 43 2.31 38.10 20.71
CA VAL A 43 1.90 36.88 20.04
C VAL A 43 3.15 36.24 19.38
N ALA A 44 2.98 35.08 18.79
CA ALA A 44 4.04 34.45 18.03
C ALA A 44 3.56 34.38 16.62
N VAL A 45 4.43 34.69 15.69
CA VAL A 45 4.08 34.59 14.30
C VAL A 45 5.09 33.69 13.60
N LYS A 46 4.57 32.70 12.94
CA LYS A 46 5.35 31.81 12.14
C LYS A 46 5.35 32.31 10.73
N ILE A 47 6.53 32.59 10.22
CA ILE A 47 6.68 33.07 8.87
C ILE A 47 7.25 31.92 8.07
N VAL A 48 6.52 31.52 7.06
CA VAL A 48 6.83 30.32 6.35
C VAL A 48 7.58 30.62 5.11
N LYS A 49 8.61 29.83 4.85
CA LYS A 49 9.42 30.05 3.65
C LYS A 49 8.63 29.79 2.43
N ASN A 50 8.91 30.57 1.41
CA ASN A 50 8.16 30.48 0.21
C ASN A 50 8.74 29.40 -0.70
N VAL A 51 8.46 28.17 -0.29
CA VAL A 51 8.86 26.98 -0.97
C VAL A 51 7.64 26.07 -0.91
N ASP A 52 7.24 25.52 -2.07
CA ASP A 52 5.99 24.77 -2.20
C ASP A 52 5.79 23.76 -1.08
N ARG A 53 6.78 22.90 -0.86
CA ARG A 53 6.77 21.95 0.21
C ARG A 53 6.25 22.58 1.49
N TYR A 54 6.82 23.72 1.87
CA TYR A 54 6.48 24.33 3.17
C TYR A 54 5.18 25.13 3.15
N CYS A 55 4.83 25.68 1.99
CA CYS A 55 3.50 26.29 1.84
C CYS A 55 2.39 25.27 2.02
N GLU A 56 2.52 24.15 1.32
CA GLU A 56 1.57 23.04 1.44
C GLU A 56 1.37 22.69 2.90
N ALA A 57 2.45 22.38 3.60
CA ALA A 57 2.41 22.04 5.01
C ALA A 57 1.76 23.13 5.86
N ALA A 58 1.95 24.40 5.50
CA ALA A 58 1.37 25.48 6.25
C ALA A 58 -0.11 25.56 6.01
N ARG A 59 -0.53 25.40 4.76
CA ARG A 59 -1.97 25.41 4.47
C ARG A 59 -2.63 24.26 5.20
N SER A 60 -1.94 23.13 5.21
CA SER A 60 -2.38 21.95 5.91
C SER A 60 -2.51 22.22 7.39
N GLU A 61 -1.48 22.83 7.98
CA GLU A 61 -1.50 23.14 9.39
C GLU A 61 -2.70 24.03 9.71
N ILE A 62 -3.04 24.94 8.82
CA ILE A 62 -4.13 25.85 9.07
C ILE A 62 -5.45 25.09 9.09
N GLN A 63 -5.65 24.15 8.17
CA GLN A 63 -6.85 23.37 8.16
C GLN A 63 -6.95 22.56 9.48
N VAL A 64 -5.89 21.85 9.81
CA VAL A 64 -5.92 21.07 11.02
C VAL A 64 -6.23 21.93 12.26
N LEU A 65 -5.67 23.11 12.37
CA LEU A 65 -5.84 23.92 13.58
C LEU A 65 -7.20 24.55 13.65
N GLU A 66 -7.82 24.80 12.51
CA GLU A 66 -9.19 25.28 12.49
C GLU A 66 -10.09 24.19 13.03
N HIS A 67 -9.81 22.96 12.64
CA HIS A 67 -10.55 21.81 13.09
C HIS A 67 -10.36 21.70 14.60
N LEU A 68 -9.13 21.57 15.05
CA LEU A 68 -8.89 21.40 16.49
C LEU A 68 -9.33 22.58 17.39
N ASN A 69 -9.21 23.81 16.95
CA ASN A 69 -9.52 24.93 17.84
C ASN A 69 -11.03 25.08 17.93
N THR A 70 -11.73 24.54 16.92
CA THR A 70 -13.19 24.48 16.88
C THR A 70 -13.71 23.37 17.75
N THR A 71 -13.12 22.19 17.61
CA THR A 71 -13.46 21.08 18.46
C THR A 71 -13.15 21.38 19.93
N ASP A 72 -12.12 22.18 20.19
CA ASP A 72 -11.62 22.39 21.56
C ASP A 72 -11.24 23.83 21.79
N PRO A 73 -12.23 24.72 21.72
CA PRO A 73 -11.97 26.16 21.85
C PRO A 73 -11.22 26.56 23.12
N ASN A 74 -11.36 25.83 24.22
CA ASN A 74 -10.71 26.24 25.47
C ASN A 74 -9.36 25.64 25.64
N SER A 75 -8.98 24.80 24.69
CA SER A 75 -7.69 24.16 24.73
C SER A 75 -7.56 23.20 25.92
N THR A 76 -8.66 22.56 26.27
CA THR A 76 -8.63 21.52 27.26
C THR A 76 -7.56 20.50 26.93
N PHE A 77 -7.34 20.20 25.65
CA PHE A 77 -6.41 19.15 25.27
C PHE A 77 -5.04 19.70 24.81
N ARG A 78 -4.76 20.95 25.12
CA ARG A 78 -3.43 21.51 25.02
C ARG A 78 -2.73 21.58 23.65
N CYS A 79 -3.51 21.65 22.59
CA CYS A 79 -2.99 22.05 21.31
C CYS A 79 -2.91 23.58 21.26
N VAL A 80 -1.80 24.10 20.74
CA VAL A 80 -1.63 25.58 20.62
C VAL A 80 -2.80 26.21 19.86
N GLN A 81 -3.21 27.40 20.29
CA GLN A 81 -4.28 28.16 19.61
C GLN A 81 -3.73 29.02 18.47
N MET A 82 -4.24 28.80 17.28
CA MET A 82 -4.01 29.70 16.16
C MET A 82 -5.00 30.87 16.23
N LEU A 83 -4.50 32.09 16.16
CA LEU A 83 -5.33 33.29 16.21
C LEU A 83 -5.74 33.81 14.84
N GLU A 84 -4.79 33.87 13.90
CA GLU A 84 -5.12 34.10 12.52
C GLU A 84 -4.01 33.76 11.58
N TRP A 85 -4.25 33.96 10.29
CA TRP A 85 -3.22 33.83 9.30
C TRP A 85 -3.36 34.91 8.22
N PHE A 86 -2.25 35.24 7.56
CA PHE A 86 -2.28 36.21 6.46
C PHE A 86 -1.10 35.97 5.54
N GLU A 87 -1.09 36.70 4.45
CA GLU A 87 0.01 36.68 3.48
C GLU A 87 0.78 38.01 3.64
N HIS A 88 2.10 37.94 3.59
CA HIS A 88 2.92 39.13 3.75
C HIS A 88 4.13 39.02 2.85
N HIS A 89 4.25 39.93 1.90
CA HIS A 89 5.23 39.80 0.86
C HIS A 89 5.42 38.31 0.48
N GLY A 90 4.31 37.65 0.14
CA GLY A 90 4.38 36.35 -0.54
C GLY A 90 4.72 35.23 0.40
N HIS A 91 4.68 35.52 1.69
CA HIS A 91 4.93 34.54 2.67
C HIS A 91 3.66 34.33 3.49
N ILE A 92 3.32 33.07 3.72
CA ILE A 92 2.24 32.73 4.60
C ILE A 92 2.74 32.95 6.00
N CYS A 93 1.95 33.66 6.80
CA CYS A 93 2.25 33.84 8.20
C CYS A 93 1.07 33.34 9.03
N ILE A 94 1.34 32.64 10.12
CA ILE A 94 0.29 32.12 10.97
C ILE A 94 0.53 32.68 12.34
N VAL A 95 -0.51 33.22 12.96
CA VAL A 95 -0.37 33.84 14.27
C VAL A 95 -0.86 32.86 15.34
N PHE A 96 -0.10 32.77 16.43
CA PHE A 96 -0.40 31.87 17.54
C PHE A 96 -0.36 32.68 18.83
N GLU A 97 -1.06 32.16 19.83
CA GLU A 97 -0.84 32.55 21.20
C GLU A 97 0.65 32.39 21.50
N LEU A 98 1.18 33.24 22.32
CA LEU A 98 2.58 33.17 22.67
C LEU A 98 2.81 32.22 23.85
N LEU A 99 3.75 31.28 23.70
CA LEU A 99 4.10 30.37 24.78
C LEU A 99 5.55 30.58 25.21
N GLY A 100 6.03 29.80 26.17
CA GLY A 100 7.43 29.90 26.63
C GLY A 100 8.35 29.03 25.80
N LEU A 101 9.53 28.75 26.34
CA LEU A 101 10.53 27.86 25.72
C LEU A 101 10.01 26.46 25.42
N SER A 102 10.49 25.88 24.34
CA SER A 102 10.30 24.45 24.11
C SER A 102 11.04 23.65 25.19
N THR A 103 10.61 22.41 25.36
CA THR A 103 11.25 21.50 26.35
C THR A 103 12.69 21.22 25.93
N TYR A 104 12.91 21.20 24.62
CA TYR A 104 14.30 21.12 24.09
C TYR A 104 15.16 22.30 24.50
N ASP A 105 14.70 23.51 24.25
CA ASP A 105 15.49 24.68 24.61
C ASP A 105 15.72 24.78 26.09
N PHE A 106 14.76 24.37 26.89
CA PHE A 106 14.97 24.41 28.33
C PHE A 106 16.12 23.46 28.76
N ILE A 107 16.08 22.23 28.26
CA ILE A 107 17.11 21.23 28.54
C ILE A 107 18.45 21.75 28.11
N LYS A 108 18.51 22.28 26.90
CA LYS A 108 19.75 22.83 26.33
C LYS A 108 20.34 23.94 27.15
N GLU A 109 19.51 24.91 27.49
CA GLU A 109 19.97 26.03 28.28
C GLU A 109 20.29 25.69 29.72
N ASN A 110 19.86 24.52 30.17
CA ASN A 110 20.21 24.04 31.49
C ASN A 110 21.41 23.08 31.45
N GLY A 111 22.16 23.09 30.34
CA GLY A 111 23.38 22.33 30.25
C GLY A 111 23.13 20.84 30.00
N PHE A 112 22.01 20.54 29.36
CA PHE A 112 21.64 19.19 29.04
C PHE A 112 21.49 18.31 30.28
N LEU A 113 20.80 18.84 31.27
CA LEU A 113 20.43 18.11 32.46
C LEU A 113 18.99 17.68 32.33
N PRO A 114 18.62 16.58 33.01
CA PRO A 114 17.23 16.10 32.94
C PRO A 114 16.26 16.92 33.77
N PHE A 115 14.98 16.75 33.48
CA PHE A 115 13.94 17.23 34.36
C PHE A 115 13.79 16.36 35.63
N ARG A 116 13.30 16.95 36.70
CA ARG A 116 12.85 16.18 37.87
C ARG A 116 11.67 15.27 37.54
N LEU A 117 11.60 14.16 38.24
CA LEU A 117 10.63 13.08 37.89
C LEU A 117 9.16 13.53 38.03
N ASP A 118 8.86 14.32 39.07
CA ASP A 118 7.51 14.86 39.24
C ASP A 118 7.10 15.81 38.10
N HIS A 119 8.04 16.57 37.58
CA HIS A 119 7.75 17.35 36.39
C HIS A 119 7.54 16.47 35.21
N ILE A 120 8.39 15.45 35.05
CA ILE A 120 8.21 14.55 33.92
C ILE A 120 6.82 13.91 33.98
N ARG A 121 6.35 13.62 35.18
CA ARG A 121 5.06 12.92 35.31
C ARG A 121 3.93 13.82 34.79
N LYS A 122 3.99 15.07 35.18
CA LYS A 122 2.97 16.04 34.77
C LYS A 122 3.03 16.27 33.28
N MET A 123 4.24 16.47 32.76
CA MET A 123 4.38 16.78 31.32
C MET A 123 3.95 15.56 30.49
N ALA A 124 4.37 14.39 30.94
CA ALA A 124 4.04 13.17 30.21
C ALA A 124 2.52 12.96 30.15
N TYR A 125 1.85 13.25 31.25
CA TYR A 125 0.42 13.11 31.26
C TYR A 125 -0.22 14.06 30.24
N GLN A 126 0.20 15.31 30.26
CA GLN A 126 -0.35 16.31 29.31
C GLN A 126 -0.07 15.98 27.87
N ILE A 127 1.13 15.51 27.59
CA ILE A 127 1.47 15.14 26.21
C ILE A 127 0.58 14.00 25.75
N CYS A 128 0.42 12.97 26.58
CA CYS A 128 -0.41 11.83 26.25
C CYS A 128 -1.86 12.21 26.09
N LYS A 129 -2.32 13.08 26.95
CA LYS A 129 -3.67 13.55 26.84
C LYS A 129 -3.89 14.33 25.53
N SER A 130 -2.92 15.19 25.18
CA SER A 130 -3.05 16.01 24.01
C SER A 130 -3.02 15.17 22.77
N VAL A 131 -2.05 14.31 22.67
CA VAL A 131 -1.92 13.50 21.46
C VAL A 131 -3.04 12.48 21.35
N ASN A 132 -3.57 12.03 22.49
CA ASN A 132 -4.68 11.06 22.44
C ASN A 132 -5.91 11.76 21.93
N PHE A 133 -6.03 13.05 22.24
CA PHE A 133 -7.09 13.87 21.64
C PHE A 133 -6.96 13.91 20.11
N LEU A 134 -5.73 14.11 19.61
CA LEU A 134 -5.51 14.02 18.17
C LEU A 134 -5.93 12.67 17.66
N HIS A 135 -5.50 11.62 18.34
CA HIS A 135 -5.86 10.24 17.91
C HIS A 135 -7.36 10.02 17.87
N SER A 136 -8.08 10.56 18.82
CA SER A 136 -9.55 10.49 18.80
C SER A 136 -10.15 11.17 17.60
N ASN A 137 -9.47 12.18 17.06
CA ASN A 137 -9.95 12.93 15.91
C ASN A 137 -9.42 12.41 14.60
N LYS A 138 -8.95 11.17 14.61
CA LYS A 138 -8.47 10.49 13.40
C LYS A 138 -7.24 11.19 12.79
N LEU A 139 -6.36 11.65 13.68
CA LEU A 139 -5.14 12.33 13.31
C LEU A 139 -3.93 11.70 13.97
N THR A 140 -2.81 11.71 13.25
CA THR A 140 -1.50 11.35 13.73
C THR A 140 -0.59 12.59 13.56
N HIS A 141 0.14 12.94 14.60
CA HIS A 141 1.01 14.13 14.54
C HIS A 141 2.24 13.94 13.62
N THR A 142 2.96 12.84 13.86
CA THR A 142 4.11 12.36 13.05
C THR A 142 5.42 13.05 13.34
N ASP A 143 5.40 14.15 14.03
CA ASP A 143 6.61 14.88 14.28
C ASP A 143 6.73 15.36 15.73
N LEU A 144 6.40 14.48 16.67
CA LEU A 144 6.55 14.81 18.06
C LEU A 144 8.00 14.71 18.46
N LYS A 145 8.45 15.71 19.21
CA LYS A 145 9.82 15.76 19.66
C LYS A 145 9.90 16.94 20.63
N PRO A 146 10.98 17.05 21.38
CA PRO A 146 10.98 18.03 22.45
C PRO A 146 10.87 19.49 21.94
N GLU A 147 11.38 19.76 20.75
CA GLU A 147 11.25 21.09 20.11
CA GLU A 147 11.25 21.10 20.10
C GLU A 147 9.77 21.46 19.92
N ASN A 148 8.89 20.45 19.79
CA ASN A 148 7.45 20.67 19.54
C ASN A 148 6.57 20.56 20.76
N ILE A 149 7.20 20.53 21.93
CA ILE A 149 6.47 20.60 23.18
C ILE A 149 6.96 21.83 23.86
N LEU A 150 6.02 22.72 24.18
CA LEU A 150 6.40 24.02 24.69
C LEU A 150 5.77 24.25 26.00
N PHE A 151 6.53 24.81 26.92
CA PHE A 151 6.00 25.28 28.15
C PHE A 151 5.07 26.48 27.93
N VAL A 152 3.94 26.46 28.63
CA VAL A 152 2.95 27.55 28.57
C VAL A 152 3.61 28.79 29.14
N GLN A 153 4.34 28.65 30.21
CA GLN A 153 5.18 29.72 30.69
C GLN A 153 6.43 29.16 31.27
N SER A 154 7.51 29.85 31.02
CA SER A 154 8.82 29.38 31.40
C SER A 154 9.44 30.38 32.42
N ASP A 155 8.59 31.12 33.16
CA ASP A 155 8.98 31.66 34.45
C ASP A 155 9.61 30.56 35.33
N TYR A 156 10.46 30.97 36.26
CA TYR A 156 11.42 30.04 36.91
C TYR A 156 11.95 30.62 38.23
N THR A 157 12.56 29.77 39.05
CA THR A 157 13.36 30.22 40.18
C THR A 157 14.72 29.58 40.05
N GLU A 158 15.72 30.22 40.63
CA GLU A 158 17.09 29.81 40.48
C GLU A 158 17.68 29.61 41.86
N ALA A 159 18.22 28.43 42.11
CA ALA A 159 18.82 28.10 43.39
C ALA A 159 20.17 27.42 43.17
N TYR A 160 21.16 27.74 44.01
CA TYR A 160 22.38 26.94 44.03
C TYR A 160 21.98 25.49 44.34
N ASN A 161 22.68 24.52 43.75
CA ASN A 161 22.33 23.12 43.86
C ASN A 161 23.59 22.26 44.01
N PRO A 162 23.98 21.93 45.27
CA PRO A 162 25.24 21.19 45.50
C PRO A 162 25.26 19.76 44.95
N LYS A 163 24.11 19.22 44.54
CA LYS A 163 24.07 17.98 43.74
C LYS A 163 24.81 18.17 42.40
N ILE A 164 24.49 19.25 41.68
CA ILE A 164 25.22 19.65 40.45
C ILE A 164 26.43 20.55 40.72
N LYS A 165 26.59 20.97 41.97
CA LYS A 165 27.62 21.96 42.36
C LYS A 165 27.52 23.25 41.52
N ARG A 166 26.34 23.53 40.98
CA ARG A 166 26.12 24.67 40.09
C ARG A 166 24.77 25.30 40.40
N ASP A 167 24.59 26.58 40.04
CA ASP A 167 23.27 27.21 40.11
C ASP A 167 22.36 26.58 39.08
N GLU A 168 21.05 26.70 39.28
CA GLU A 168 20.09 25.93 38.49
C GLU A 168 18.72 26.55 38.51
N ARG A 169 18.07 26.51 37.36
CA ARG A 169 16.74 27.08 37.20
C ARG A 169 15.74 25.95 37.38
N THR A 170 14.71 26.20 38.18
CA THR A 170 13.60 25.27 38.29
C THR A 170 12.34 25.93 37.77
N LEU A 171 11.59 25.20 36.96
CA LEU A 171 10.33 25.67 36.43
C LEU A 171 9.34 25.88 37.53
N ILE A 172 8.57 26.94 37.43
CA ILE A 172 7.43 27.11 38.32
C ILE A 172 6.33 26.23 37.82
N ASN A 173 5.90 26.47 36.61
CA ASN A 173 4.75 25.81 36.06
C ASN A 173 5.22 24.91 34.93
N PRO A 174 5.04 23.60 35.08
CA PRO A 174 5.46 22.72 34.00
C PRO A 174 4.43 22.45 32.92
N ASP A 175 3.31 23.14 32.93
CA ASP A 175 2.30 22.90 31.88
C ASP A 175 2.89 23.12 30.48
N ILE A 176 2.35 22.40 29.52
CA ILE A 176 2.85 22.43 28.18
C ILE A 176 1.74 22.48 27.18
N LYS A 177 2.09 22.82 25.95
CA LYS A 177 1.22 22.61 24.81
C LYS A 177 2.01 22.00 23.67
N VAL A 178 1.30 21.35 22.76
CA VAL A 178 1.87 20.72 21.58
C VAL A 178 1.72 21.67 20.41
N VAL A 179 2.79 21.87 19.66
CA VAL A 179 2.77 22.70 18.46
C VAL A 179 3.20 21.91 17.28
N ASP A 180 3.07 22.57 16.14
CA ASP A 180 3.49 22.09 14.84
C ASP A 180 2.65 20.99 14.24
N PHE A 181 1.58 21.39 13.55
CA PHE A 181 0.66 20.46 12.93
C PHE A 181 0.78 20.35 11.44
N GLY A 182 1.93 20.74 10.92
CA GLY A 182 2.11 20.76 9.49
C GLY A 182 2.36 19.42 8.87
N SER A 183 2.68 18.43 9.67
CA SER A 183 2.80 17.07 9.17
C SER A 183 1.64 16.19 9.60
N ALA A 184 0.71 16.73 10.36
CA ALA A 184 -0.36 15.95 10.94
C ALA A 184 -1.17 15.38 9.84
N THR A 185 -1.53 14.11 9.93
CA THR A 185 -2.17 13.40 8.84
C THR A 185 -3.43 12.70 9.30
N TYR A 186 -4.49 12.83 8.52
CA TYR A 186 -5.75 12.13 8.79
C TYR A 186 -5.63 10.69 8.36
N ASP A 187 -6.34 9.81 9.05
CA ASP A 187 -6.39 8.39 8.71
C ASP A 187 -6.66 8.14 7.22
N ASP A 188 -7.54 8.94 6.64
CA ASP A 188 -7.98 8.73 5.25
C ASP A 188 -7.14 9.52 4.22
N GLU A 189 -6.26 10.39 4.69
CA GLU A 189 -5.28 11.05 3.82
C GLU A 189 -4.16 10.12 3.38
N HIS A 190 -3.40 10.57 2.37
CA HIS A 190 -2.19 9.89 1.95
C HIS A 190 -1.10 9.93 3.03
N HIS A 191 -0.51 8.77 3.27
CA HIS A 191 0.58 8.59 4.21
C HIS A 191 1.94 8.54 3.51
N SER A 192 2.71 9.63 3.57
CA SER A 192 4.08 9.63 3.07
C SER A 192 4.92 8.51 3.63
N THR A 193 5.85 8.00 2.85
CA THR A 193 6.77 6.98 3.34
C THR A 193 7.76 7.43 4.44
N LEU A 194 8.29 8.64 4.36
CA LEU A 194 9.21 9.16 5.38
C LEU A 194 8.50 10.20 6.23
N VAL A 195 8.41 9.94 7.53
CA VAL A 195 7.92 10.95 8.50
C VAL A 195 8.77 10.92 9.80
N SER A 196 8.58 11.95 10.62
CA SER A 196 9.27 12.11 11.90
C SER A 196 10.74 12.59 11.74
N THR A 197 11.17 13.49 12.61
CA THR A 197 12.60 13.71 12.84
C THR A 197 13.24 12.39 13.22
N ARG A 198 14.43 12.12 12.67
CA ARG A 198 14.92 10.72 12.66
C ARG A 198 15.14 10.17 14.05
N HIS A 199 15.55 10.99 14.97
CA HIS A 199 15.78 10.51 16.30
C HIS A 199 14.50 9.97 16.93
N TYR A 200 13.31 10.41 16.45
CA TYR A 200 12.02 10.03 17.08
C TYR A 200 11.19 9.19 16.16
N ARG A 201 11.85 8.59 15.18
CA ARG A 201 11.19 7.83 14.19
C ARG A 201 11.02 6.38 14.62
N ALA A 202 9.80 5.88 14.46
CA ALA A 202 9.43 4.50 14.78
C ALA A 202 10.02 3.49 13.81
N PRO A 203 10.24 2.25 14.27
CA PRO A 203 10.78 1.21 13.43
C PRO A 203 9.91 0.85 12.25
N GLU A 204 8.60 1.02 12.35
CA GLU A 204 7.74 0.70 11.18
C GLU A 204 7.95 1.77 10.08
N VAL A 205 8.34 2.97 10.50
CA VAL A 205 8.60 4.04 9.57
C VAL A 205 9.94 3.79 8.86
N ILE A 206 11.00 3.62 9.64
CA ILE A 206 12.31 3.28 9.12
C ILE A 206 12.28 2.09 8.16
N LEU A 207 11.44 1.09 8.45
CA LEU A 207 11.35 -0.11 7.61
C LEU A 207 10.25 0.00 6.55
N ALA A 208 9.58 1.13 6.48
CA ALA A 208 8.57 1.39 5.46
C ALA A 208 7.49 0.32 5.46
N LEU A 209 6.93 0.03 6.62
CA LEU A 209 5.90 -0.98 6.75
C LEU A 209 4.51 -0.40 6.84
N GLY A 210 4.41 0.93 6.77
CA GLY A 210 3.16 1.62 7.05
C GLY A 210 3.19 2.12 8.47
N TRP A 211 2.37 3.12 8.75
CA TRP A 211 2.35 3.69 10.08
C TRP A 211 1.01 4.36 10.27
N SER A 212 0.69 4.63 11.52
CA SER A 212 -0.48 5.43 11.87
C SER A 212 -0.25 5.90 13.30
N GLN A 213 -1.31 6.02 14.11
CA GLN A 213 -1.22 6.58 15.48
C GLN A 213 -0.08 6.02 16.31
N PRO A 214 0.17 4.69 16.21
CA PRO A 214 1.20 4.13 17.09
C PRO A 214 2.59 4.75 16.93
N CYS A 215 2.90 5.33 15.76
CA CYS A 215 4.21 5.95 15.58
C CYS A 215 4.40 7.21 16.45
N ASP A 216 3.31 7.91 16.76
CA ASP A 216 3.35 8.97 17.75
C ASP A 216 3.75 8.43 19.15
N VAL A 217 3.24 7.26 19.51
CA VAL A 217 3.50 6.68 20.84
C VAL A 217 4.98 6.33 20.97
N TRP A 218 5.54 5.71 19.92
CA TRP A 218 6.98 5.53 19.89
C TRP A 218 7.73 6.84 20.17
N SER A 219 7.32 7.92 19.49
CA SER A 219 7.99 9.21 19.63
C SER A 219 7.90 9.70 21.05
N ILE A 220 6.73 9.56 21.64
CA ILE A 220 6.56 9.98 23.02
C ILE A 220 7.48 9.20 23.96
N GLY A 221 7.61 7.89 23.74
CA GLY A 221 8.60 7.10 24.48
C GLY A 221 9.99 7.65 24.43
N CYS A 222 10.39 8.08 23.26
CA CYS A 222 11.72 8.68 23.04
C CYS A 222 11.85 9.98 23.75
N ILE A 223 10.82 10.77 23.69
CA ILE A 223 10.77 12.02 24.42
C ILE A 223 10.90 11.81 25.93
N LEU A 224 10.11 10.90 26.49
CA LEU A 224 10.15 10.69 27.92
C LEU A 224 11.53 10.25 28.41
N ILE A 225 12.18 9.38 27.69
CA ILE A 225 13.53 8.96 28.09
C ILE A 225 14.54 10.15 28.01
N GLU A 226 14.34 11.06 27.08
CA GLU A 226 15.25 12.22 26.97
C GLU A 226 14.99 13.23 28.08
N TYR A 227 13.73 13.39 28.47
CA TYR A 227 13.46 14.16 29.67
C TYR A 227 14.11 13.59 30.93
N TYR A 228 14.15 12.27 31.01
CA TYR A 228 14.78 11.59 32.15
C TYR A 228 16.28 11.65 32.14
N LEU A 229 16.86 11.56 30.96
CA LEU A 229 18.33 11.55 30.84
C LEU A 229 18.93 12.92 30.58
N GLY A 230 18.19 13.76 29.89
CA GLY A 230 18.71 15.05 29.49
C GLY A 230 19.57 15.06 28.23
N PHE A 231 19.59 13.94 27.52
CA PHE A 231 20.19 13.89 26.22
C PHE A 231 19.38 13.01 25.33
N THR A 232 19.68 13.05 24.05
CA THR A 232 19.00 12.29 23.02
C THR A 232 19.44 10.82 23.04
N VAL A 233 18.48 9.94 23.00
CA VAL A 233 18.73 8.56 23.19
C VAL A 233 19.23 7.88 21.90
N PHE A 234 18.79 8.37 20.75
CA PHE A 234 19.28 7.88 19.46
C PHE A 234 20.02 8.97 18.67
N PRO A 235 21.23 9.34 19.11
CA PRO A 235 21.96 10.42 18.44
C PRO A 235 22.66 9.94 17.14
N THR A 236 21.94 9.96 16.03
CA THR A 236 22.50 9.40 14.80
C THR A 236 21.71 9.88 13.62
N HIS A 237 22.37 9.86 12.47
CA HIS A 237 21.77 10.26 11.21
C HIS A 237 21.84 9.11 10.20
N ASP A 238 22.12 7.92 10.66
CA ASP A 238 22.20 6.76 9.80
C ASP A 238 21.14 5.77 10.27
N SER A 239 20.34 5.27 9.33
CA SER A 239 19.21 4.40 9.66
C SER A 239 19.64 3.06 10.18
N LYS A 240 20.72 2.53 9.64
CA LYS A 240 21.23 1.27 10.11
C LYS A 240 21.78 1.38 11.53
N GLU A 241 22.56 2.42 11.78
CA GLU A 241 23.10 2.68 13.12
C GLU A 241 21.98 2.88 14.14
N HIS A 242 20.91 3.52 13.69
CA HIS A 242 19.76 3.75 14.51
C HIS A 242 19.14 2.42 14.92
N LEU A 243 18.99 1.54 13.95
CA LEU A 243 18.46 0.24 14.22
C LEU A 243 19.38 -0.53 15.13
N ALA A 244 20.70 -0.36 14.95
CA ALA A 244 21.65 -1.01 15.85
C ALA A 244 21.46 -0.49 17.28
N MET A 245 21.27 0.81 17.42
CA MET A 245 21.03 1.39 18.71
C MET A 245 19.76 0.82 19.34
N MET A 246 18.71 0.68 18.55
CA MET A 246 17.49 0.05 19.05
C MET A 246 17.77 -1.35 19.59
N GLU A 247 18.56 -2.12 18.87
CA GLU A 247 18.86 -3.49 19.28
C GLU A 247 19.58 -3.52 20.60
N ARG A 248 20.56 -2.63 20.75
CA ARG A 248 21.36 -2.57 21.97
C ARG A 248 20.52 -2.18 23.19
N ILE A 249 19.55 -1.32 22.98
CA ILE A 249 18.75 -0.81 24.07
C ILE A 249 17.51 -1.68 24.34
N LEU A 250 16.86 -2.11 23.28
CA LEU A 250 15.60 -2.82 23.36
C LEU A 250 15.66 -4.30 22.98
N GLY A 251 16.81 -4.79 22.53
CA GLY A 251 16.89 -6.18 22.01
C GLY A 251 16.54 -6.27 20.53
N PRO A 252 16.60 -7.48 19.96
CA PRO A 252 16.53 -7.65 18.52
C PRO A 252 15.13 -7.45 17.96
N LEU A 253 15.05 -7.08 16.69
CA LEU A 253 13.78 -6.81 16.07
C LEU A 253 13.03 -8.08 15.75
N PRO A 254 11.70 -8.03 15.82
CA PRO A 254 10.91 -9.23 15.55
C PRO A 254 11.12 -9.75 14.12
N LYS A 255 11.29 -11.07 13.96
CA LYS A 255 11.48 -11.66 12.65
C LYS A 255 10.41 -11.21 11.67
N HIS A 256 9.16 -11.16 12.10
CA HIS A 256 8.10 -10.90 11.16
C HIS A 256 8.19 -9.50 10.53
N MET A 257 8.73 -8.53 11.26
CA MET A 257 8.94 -7.22 10.69
C MET A 257 10.10 -7.22 9.69
N ILE A 258 11.18 -7.90 10.05
CA ILE A 258 12.33 -8.00 9.18
C ILE A 258 11.95 -8.61 7.82
N GLN A 259 11.40 -9.83 7.83
CA GLN A 259 10.98 -10.51 6.59
C GLN A 259 10.13 -9.59 5.70
N LYS A 260 9.32 -8.77 6.34
CA LYS A 260 8.29 -8.01 5.65
C LYS A 260 8.77 -6.69 4.98
N THR A 261 9.90 -6.14 5.42
CA THR A 261 10.34 -4.85 4.92
C THR A 261 10.92 -4.90 3.51
N ARG A 262 10.72 -3.81 2.77
CA ARG A 262 11.27 -3.66 1.43
C ARG A 262 12.74 -3.20 1.49
N LYS A 263 13.22 -2.85 2.67
CA LYS A 263 14.59 -2.37 2.81
C LYS A 263 15.53 -3.48 3.29
N ARG A 264 15.62 -4.54 2.49
CA ARG A 264 16.45 -5.71 2.82
C ARG A 264 17.93 -5.32 2.91
N LYS A 265 18.27 -4.16 2.32
CA LYS A 265 19.55 -3.47 2.54
C LYS A 265 20.17 -3.67 3.93
N TYR A 266 19.39 -3.42 4.98
CA TYR A 266 19.91 -3.40 6.34
C TYR A 266 20.22 -4.77 6.93
N PHE A 267 19.87 -5.86 6.22
CA PHE A 267 19.81 -7.19 6.84
C PHE A 267 20.51 -8.28 6.04
N HIS A 268 20.92 -9.32 6.76
CA HIS A 268 21.34 -10.52 6.14
C HIS A 268 20.76 -11.66 6.93
N HIS A 269 19.94 -12.47 6.27
CA HIS A 269 19.35 -13.68 6.86
C HIS A 269 18.62 -13.42 8.17
N ASP A 270 17.64 -12.53 8.11
CA ASP A 270 16.75 -12.27 9.24
C ASP A 270 17.44 -11.65 10.47
N ARG A 271 18.66 -11.14 10.32
CA ARG A 271 19.33 -10.40 11.39
C ARG A 271 20.00 -9.18 10.80
N LEU A 272 20.21 -8.16 11.63
CA LEU A 272 20.73 -6.88 11.18
C LEU A 272 22.17 -7.07 10.78
N ASP A 273 22.51 -6.56 9.61
CA ASP A 273 23.87 -6.73 9.09
C ASP A 273 24.77 -5.66 9.71
N TRP A 274 25.34 -6.00 10.87
CA TRP A 274 25.99 -5.04 11.75
C TRP A 274 27.17 -5.69 12.44
N ASP A 275 28.34 -5.08 12.32
CA ASP A 275 29.54 -5.61 12.96
C ASP A 275 29.84 -4.83 14.24
N GLU A 276 29.54 -5.46 15.39
CA GLU A 276 29.83 -4.90 16.73
C GLU A 276 31.31 -4.52 16.94
N HIS A 277 32.24 -5.27 16.34
CA HIS A 277 33.68 -4.99 16.49
C HIS A 277 34.16 -3.89 15.55
N SER A 278 33.29 -3.39 14.67
CA SER A 278 33.59 -2.24 13.86
C SER A 278 33.65 -1.02 14.76
N SER A 279 34.04 0.13 14.22
CA SER A 279 34.12 1.32 15.05
C SER A 279 32.77 1.84 15.46
N ALA A 280 31.89 2.02 14.49
CA ALA A 280 30.52 2.38 14.77
C ALA A 280 29.88 1.30 15.64
N GLY A 281 30.31 0.05 15.49
CA GLY A 281 29.83 -1.04 16.34
C GLY A 281 30.10 -0.77 17.79
N ARG A 282 31.36 -0.44 18.09
CA ARG A 282 31.78 -0.05 19.42
C ARG A 282 31.18 1.30 19.89
N TYR A 283 31.04 2.30 19.01
CA TYR A 283 30.28 3.55 19.33
C TYR A 283 28.90 3.16 19.89
N VAL A 284 28.14 2.37 19.14
CA VAL A 284 26.83 1.91 19.58
C VAL A 284 26.95 1.04 20.83
N SER A 285 27.98 0.25 20.93
CA SER A 285 28.12 -0.61 22.09
C SER A 285 28.38 0.13 23.40
N ARG A 286 28.76 1.42 23.31
CA ARG A 286 29.03 2.20 24.52
C ARG A 286 28.11 3.41 24.69
N ALA A 287 27.51 3.90 23.62
CA ALA A 287 26.51 4.98 23.69
C ALA A 287 25.12 4.43 24.07
N CYS A 288 24.99 3.13 23.98
CA CYS A 288 23.74 2.51 24.18
C CYS A 288 23.91 1.30 25.09
N LYS A 289 22.89 1.04 25.91
CA LYS A 289 22.89 -0.12 26.81
C LYS A 289 21.44 -0.50 27.07
N PRO A 290 21.20 -1.67 27.69
CA PRO A 290 19.81 -2.10 27.92
C PRO A 290 19.00 -1.06 28.66
N LEU A 291 17.79 -0.82 28.18
CA LEU A 291 16.94 0.25 28.68
C LEU A 291 17.03 0.44 30.17
N LYS A 292 16.82 -0.63 30.94
CA LYS A 292 16.72 -0.50 32.40
C LYS A 292 18.02 -0.09 33.05
N GLU A 293 19.14 -0.27 32.38
CA GLU A 293 20.41 0.20 32.92
C GLU A 293 20.54 1.72 32.91
N PHE A 294 19.66 2.41 32.16
CA PHE A 294 19.63 3.87 32.19
C PHE A 294 19.03 4.47 33.45
N MET A 295 18.37 3.63 34.26
CA MET A 295 17.69 4.09 35.46
C MET A 295 18.70 4.61 36.44
N LEU A 296 18.36 5.71 37.10
CA LEU A 296 19.26 6.38 38.05
C LEU A 296 18.89 6.01 39.47
N SER A 297 17.81 5.26 39.64
CA SER A 297 17.37 4.82 40.95
C SER A 297 16.46 3.61 40.84
N GLN A 298 16.41 2.79 41.89
CA GLN A 298 15.54 1.61 41.93
C GLN A 298 14.19 1.91 42.57
N ASP A 299 14.03 3.14 43.08
CA ASP A 299 12.76 3.62 43.56
C ASP A 299 11.63 3.28 42.60
N VAL A 300 10.49 2.96 43.18
CA VAL A 300 9.36 2.47 42.41
C VAL A 300 8.87 3.47 41.39
N GLU A 301 8.83 4.75 41.71
CA GLU A 301 8.41 5.74 40.69
C GLU A 301 9.26 5.68 39.42
N HIS A 302 10.55 5.49 39.60
CA HIS A 302 11.42 5.34 38.44
C HIS A 302 11.07 4.09 37.65
N GLU A 303 10.84 2.99 38.37
CA GLU A 303 10.49 1.74 37.70
C GLU A 303 9.19 1.88 36.98
N ARG A 304 8.26 2.60 37.55
CA ARG A 304 6.99 2.80 36.89
C ARG A 304 7.15 3.54 35.59
N LEU A 305 7.95 4.60 35.60
CA LEU A 305 8.22 5.33 34.36
C LEU A 305 8.85 4.44 33.30
N PHE A 306 9.85 3.66 33.70
CA PHE A 306 10.54 2.79 32.76
C PHE A 306 9.70 1.66 32.23
N ASP A 307 8.72 1.24 32.97
CA ASP A 307 7.80 0.26 32.49
C ASP A 307 6.97 0.88 31.40
N LEU A 308 6.50 2.09 31.64
CA LEU A 308 5.70 2.78 30.66
C LEU A 308 6.49 3.03 29.35
N ILE A 309 7.69 3.53 29.49
CA ILE A 309 8.54 3.80 28.34
C ILE A 309 8.73 2.53 27.53
N GLN A 310 9.05 1.44 28.22
CA GLN A 310 9.20 0.16 27.56
C GLN A 310 7.98 -0.23 26.77
N LYS A 311 6.82 0.00 27.30
CA LYS A 311 5.62 -0.32 26.57
C LYS A 311 5.41 0.58 25.36
N MET A 312 5.85 1.82 25.45
CA MET A 312 5.81 2.73 24.32
C MET A 312 6.81 2.33 23.24
N LEU A 313 7.93 1.75 23.64
CA LEU A 313 8.95 1.39 22.71
C LEU A 313 8.86 -0.07 22.31
N GLU A 314 7.65 -0.60 22.25
CA GLU A 314 7.42 -1.92 21.72
C GLU A 314 7.63 -1.82 20.21
N TYR A 315 8.45 -2.71 19.66
CA TYR A 315 8.73 -2.73 18.23
C TYR A 315 7.50 -2.82 17.32
N ASP A 316 6.62 -3.75 17.62
CA ASP A 316 5.48 -4.03 16.77
C ASP A 316 4.40 -3.01 17.04
N PRO A 317 4.02 -2.24 16.03
CA PRO A 317 3.05 -1.21 16.32
C PRO A 317 1.68 -1.77 16.71
N ALA A 318 1.36 -2.97 16.25
CA ALA A 318 0.07 -3.59 16.58
C ALA A 318 0.02 -3.98 18.07
N LYS A 319 1.18 -4.19 18.69
CA LYS A 319 1.26 -4.55 20.12
C LYS A 319 1.52 -3.37 21.05
N ARG A 320 1.92 -2.23 20.48
CA ARG A 320 2.38 -1.12 21.27
C ARG A 320 1.20 -0.52 22.06
N ILE A 321 1.51 -0.05 23.26
CA ILE A 321 0.51 0.53 24.10
C ILE A 321 -0.11 1.72 23.40
N THR A 322 -1.42 1.89 23.56
CA THR A 322 -2.11 3.12 23.06
C THR A 322 -2.08 4.16 24.15
N LEU A 323 -2.33 5.40 23.76
CA LEU A 323 -2.33 6.50 24.71
C LEU A 323 -3.51 6.43 25.63
N ARG A 324 -4.63 5.92 25.14
CA ARG A 324 -5.76 5.59 26.03
C ARG A 324 -5.31 4.70 27.22
N GLU A 325 -4.59 3.62 26.93
CA GLU A 325 -4.09 2.73 27.97
C GLU A 325 -3.01 3.46 28.80
N ALA A 326 -2.14 4.20 28.15
CA ALA A 326 -1.02 4.82 28.85
C ALA A 326 -1.46 5.78 29.95
N LEU A 327 -2.58 6.49 29.72
CA LEU A 327 -3.13 7.44 30.68
C LEU A 327 -3.64 6.76 31.96
N LYS A 328 -3.84 5.43 31.94
CA LYS A 328 -4.19 4.66 33.15
C LYS A 328 -2.98 3.99 33.76
N HIS A 329 -1.77 4.32 33.30
CA HIS A 329 -0.61 3.63 33.80
C HIS A 329 -0.25 4.16 35.19
N PRO A 330 0.22 3.27 36.07
CA PRO A 330 0.52 3.55 37.50
C PRO A 330 1.42 4.74 37.75
N PHE A 331 2.32 5.00 36.82
CA PHE A 331 3.14 6.17 36.83
C PHE A 331 2.32 7.44 37.01
N PHE A 332 1.10 7.46 36.52
CA PHE A 332 0.29 8.65 36.68
C PHE A 332 -0.54 8.69 37.92
N ASP A 333 -0.59 7.59 38.68
CA ASP A 333 -1.45 7.57 39.88
C ASP A 333 -1.23 8.77 40.80
N LEU A 334 0.02 9.18 41.00
CA LEU A 334 0.30 10.31 41.89
C LEU A 334 -0.42 11.60 41.48
N LEU A 335 -0.80 11.75 40.21
CA LEU A 335 -1.56 12.94 39.77
C LEU A 335 -3.05 12.85 40.03
N LYS A 336 -3.50 11.79 40.67
CA LYS A 336 -4.93 11.56 40.82
C LYS A 336 -5.32 11.39 42.27
N LYS A 337 -6.53 11.82 42.61
CA LYS A 337 -7.14 11.51 43.92
C LYS A 337 -7.48 10.02 43.96
N SER A 338 -7.03 9.33 45.01
CA SER A 338 -7.03 7.86 45.03
C SER A 338 -8.23 7.32 45.79
N SER B 1 -30.10 -34.65 14.93
CA SER B 1 -28.76 -34.38 15.53
C SER B 1 -28.60 -32.94 16.01
N MET B 2 -28.70 -31.98 15.09
CA MET B 2 -28.09 -30.66 15.31
C MET B 2 -28.63 -29.87 16.50
N HIS B 3 -29.94 -29.85 16.69
CA HIS B 3 -30.54 -29.38 17.95
C HIS B 3 -29.67 -29.89 19.15
N LEU B 4 -29.36 -31.19 19.18
CA LEU B 4 -28.75 -31.83 20.33
C LEU B 4 -27.30 -31.44 20.61
N ILE B 5 -26.64 -30.77 19.69
CA ILE B 5 -25.20 -30.50 19.84
C ILE B 5 -24.76 -29.06 19.48
N CYS B 6 -25.72 -28.13 19.37
CA CYS B 6 -25.43 -26.76 19.04
C CYS B 6 -25.98 -25.76 20.05
N GLN B 7 -26.35 -26.24 21.25
CA GLN B 7 -27.01 -25.41 22.27
C GLN B 7 -26.06 -24.57 23.10
N SER B 8 -26.57 -23.49 23.63
CA SER B 8 -25.78 -22.59 24.43
C SER B 8 -25.19 -23.32 25.64
N GLY B 9 -23.89 -23.13 25.90
CA GLY B 9 -23.21 -23.82 27.00
C GLY B 9 -22.49 -25.09 26.59
N ASP B 10 -22.83 -25.65 25.45
CA ASP B 10 -22.13 -26.83 24.96
C ASP B 10 -20.69 -26.48 24.67
N VAL B 11 -19.83 -27.47 24.82
CA VAL B 11 -18.42 -27.33 24.53
C VAL B 11 -18.10 -28.18 23.32
N LEU B 12 -17.55 -27.57 22.28
CA LEU B 12 -17.14 -28.31 21.10
C LEU B 12 -15.65 -28.60 21.14
N SER B 13 -15.29 -29.86 20.87
CA SER B 13 -13.90 -30.23 20.72
C SER B 13 -13.09 -29.86 21.98
N ALA B 14 -13.69 -30.02 23.16
CA ALA B 14 -13.00 -29.71 24.41
C ALA B 14 -12.36 -28.33 24.43
N ARG B 15 -13.01 -27.35 23.84
CA ARG B 15 -12.32 -26.08 23.56
C ARG B 15 -13.25 -24.88 23.39
N TYR B 16 -14.26 -25.02 22.53
CA TYR B 16 -15.10 -23.89 22.17
C TYR B 16 -16.44 -23.94 22.89
N GLU B 17 -16.72 -22.96 23.73
CA GLU B 17 -17.99 -22.91 24.46
C GLU B 17 -19.00 -22.05 23.71
N ILE B 18 -20.10 -22.67 23.30
CA ILE B 18 -21.13 -21.99 22.52
C ILE B 18 -21.82 -20.97 23.38
N VAL B 19 -21.90 -19.76 22.84
CA VAL B 19 -22.53 -18.64 23.51
C VAL B 19 -23.92 -18.42 22.93
N ASP B 20 -24.03 -18.33 21.60
CA ASP B 20 -25.29 -18.05 20.98
C ASP B 20 -25.28 -18.39 19.49
N THR B 21 -26.45 -18.45 18.88
CA THR B 21 -26.58 -18.67 17.44
C THR B 21 -26.51 -17.35 16.67
N LEU B 22 -25.66 -17.31 15.64
CA LEU B 22 -25.49 -16.14 14.77
C LEU B 22 -26.35 -16.23 13.54
N GLY B 23 -26.50 -17.42 12.98
CA GLY B 23 -27.30 -17.60 11.80
C GLY B 23 -27.57 -19.05 11.59
N GLU B 24 -28.60 -19.35 10.84
CA GLU B 24 -28.87 -20.70 10.46
C GLU B 24 -29.38 -20.74 9.07
N GLY B 25 -29.37 -21.93 8.50
CA GLY B 25 -29.64 -22.09 7.10
C GLY B 25 -29.98 -23.53 6.88
N ALA B 26 -30.10 -23.90 5.62
CA ALA B 26 -30.31 -25.28 5.27
C ALA B 26 -29.01 -26.07 5.44
N PHE B 27 -27.88 -25.39 5.32
CA PHE B 27 -26.58 -26.00 5.53
C PHE B 27 -26.29 -26.39 6.97
N GLY B 28 -26.97 -25.76 7.93
CA GLY B 28 -26.70 -25.97 9.36
C GLY B 28 -26.68 -24.61 10.02
N LYS B 29 -25.81 -24.40 11.01
CA LYS B 29 -25.80 -23.11 11.70
C LYS B 29 -24.41 -22.61 11.97
N VAL B 30 -24.34 -21.32 12.31
CA VAL B 30 -23.13 -20.67 12.74
C VAL B 30 -23.40 -20.19 14.15
N VAL B 31 -22.55 -20.61 15.09
CA VAL B 31 -22.70 -20.17 16.47
C VAL B 31 -21.49 -19.35 16.90
N GLU B 32 -21.73 -18.42 17.82
CA GLU B 32 -20.62 -17.73 18.45
C GLU B 32 -20.12 -18.57 19.57
N CYS B 33 -18.80 -18.72 19.66
CA CYS B 33 -18.17 -19.44 20.74
C CYS B 33 -17.05 -18.70 21.41
N ILE B 34 -16.83 -19.03 22.68
CA ILE B 34 -15.64 -18.61 23.41
C ILE B 34 -14.58 -19.68 23.23
N ASP B 35 -13.41 -19.28 22.74
CA ASP B 35 -12.30 -20.21 22.58
C ASP B 35 -11.43 -20.21 23.82
N HIS B 36 -11.60 -21.26 24.64
CA HIS B 36 -10.93 -21.32 25.93
C HIS B 36 -9.44 -21.63 25.85
N LYS B 37 -8.96 -22.16 24.73
CA LYS B 37 -7.52 -22.37 24.56
C LYS B 37 -6.84 -21.13 24.06
N ALA B 38 -7.58 -20.19 23.51
CA ALA B 38 -6.98 -18.94 23.01
C ALA B 38 -7.38 -17.73 23.83
N GLY B 39 -7.42 -17.90 25.14
CA GLY B 39 -7.53 -16.76 26.06
C GLY B 39 -8.92 -16.18 26.16
N GLY B 40 -9.91 -16.86 25.61
CA GLY B 40 -11.26 -16.38 25.64
C GLY B 40 -11.70 -15.65 24.39
N ARG B 41 -10.89 -15.62 23.32
CA ARG B 41 -11.30 -14.94 22.09
C ARG B 41 -12.62 -15.53 21.61
N HIS B 42 -13.54 -14.68 21.18
CA HIS B 42 -14.76 -15.17 20.56
C HIS B 42 -14.47 -15.53 19.14
N VAL B 43 -15.10 -16.59 18.67
CA VAL B 43 -14.95 -17.06 17.29
C VAL B 43 -16.33 -17.45 16.79
N ALA B 44 -16.40 -17.80 15.52
CA ALA B 44 -17.63 -18.28 14.94
C ALA B 44 -17.35 -19.69 14.53
N VAL B 45 -18.30 -20.56 14.79
CA VAL B 45 -18.18 -21.89 14.33
C VAL B 45 -19.40 -22.20 13.48
N LYS B 46 -19.12 -22.67 12.27
CA LYS B 46 -20.12 -23.23 11.40
C LYS B 46 -20.25 -24.71 11.63
N ILE B 47 -21.43 -25.14 12.04
CA ILE B 47 -21.71 -26.55 12.27
C ILE B 47 -22.54 -27.02 11.09
N VAL B 48 -22.03 -28.01 10.38
CA VAL B 48 -22.63 -28.40 9.13
C VAL B 48 -23.49 -29.59 9.30
N LYS B 49 -24.64 -29.57 8.64
CA LYS B 49 -25.59 -30.67 8.78
C LYS B 49 -25.03 -31.92 8.18
N ASN B 50 -25.33 -33.03 8.80
CA ASN B 50 -24.80 -34.28 8.34
C ASN B 50 -25.66 -34.88 7.23
N VAL B 51 -25.55 -34.25 6.08
CA VAL B 51 -26.24 -34.63 4.88
C VAL B 51 -25.20 -34.52 3.77
N ASP B 52 -25.05 -35.59 2.98
CA ASP B 52 -23.95 -35.72 2.02
C ASP B 52 -23.74 -34.44 1.22
N ARG B 53 -24.81 -33.94 0.61
CA ARG B 53 -24.76 -32.68 -0.13
C ARG B 53 -23.96 -31.62 0.63
N TYR B 54 -24.27 -31.42 1.91
CA TYR B 54 -23.66 -30.34 2.67
C TYR B 54 -22.28 -30.69 3.20
N CYS B 55 -22.04 -31.96 3.48
CA CYS B 55 -20.68 -32.39 3.83
C CYS B 55 -19.73 -32.13 2.68
N GLU B 56 -20.12 -32.54 1.47
CA GLU B 56 -19.32 -32.34 0.28
C GLU B 56 -18.92 -30.89 0.20
N ALA B 57 -19.92 -30.00 0.21
CA ALA B 57 -19.69 -28.57 0.13
C ALA B 57 -18.77 -28.06 1.24
N ALA B 58 -18.87 -28.64 2.43
CA ALA B 58 -18.02 -28.21 3.52
C ALA B 58 -16.58 -28.65 3.29
N ARG B 59 -16.38 -29.88 2.84
CA ARG B 59 -15.02 -30.37 2.59
C ARG B 59 -14.41 -29.54 1.50
N SER B 60 -15.23 -29.21 0.51
CA SER B 60 -14.85 -28.33 -0.57
C SER B 60 -14.44 -26.97 -0.05
N GLU B 61 -15.26 -26.38 0.82
CA GLU B 61 -14.97 -25.08 1.40
C GLU B 61 -13.67 -25.11 2.16
N ILE B 62 -13.38 -26.21 2.83
CA ILE B 62 -12.14 -26.32 3.58
C ILE B 62 -10.92 -26.32 2.66
N GLN B 63 -11.00 -27.03 1.54
CA GLN B 63 -9.90 -27.07 0.60
C GLN B 63 -9.69 -25.66 0.07
N VAL B 64 -10.75 -25.05 -0.40
CA VAL B 64 -10.62 -23.66 -0.89
C VAL B 64 -10.02 -22.69 0.16
N LEU B 65 -10.41 -22.82 1.43
CA LEU B 65 -9.95 -21.86 2.44
C LEU B 65 -8.55 -22.12 2.89
N GLU B 66 -8.10 -23.36 2.79
CA GLU B 66 -6.71 -23.68 3.03
C GLU B 66 -5.84 -23.08 1.94
N HIS B 67 -6.34 -23.13 0.71
CA HIS B 67 -5.68 -22.53 -0.40
C HIS B 67 -5.61 -21.02 -0.26
N LEU B 68 -6.74 -20.38 0.00
CA LEU B 68 -6.76 -18.92 0.16
C LEU B 68 -5.98 -18.51 1.38
N ASN B 69 -5.89 -19.37 2.39
CA ASN B 69 -5.06 -19.06 3.57
C ASN B 69 -3.55 -19.04 3.24
N THR B 70 -3.16 -19.83 2.24
CA THR B 70 -1.76 -19.87 1.73
C THR B 70 -1.44 -18.69 0.80
N THR B 71 -2.33 -18.45 -0.14
CA THR B 71 -2.21 -17.34 -1.03
C THR B 71 -2.33 -15.99 -0.32
N ASP B 72 -3.10 -15.93 0.76
CA ASP B 72 -3.38 -14.63 1.42
C ASP B 72 -3.37 -14.72 2.93
N PRO B 73 -2.23 -15.12 3.50
CA PRO B 73 -2.14 -15.32 4.96
C PRO B 73 -2.66 -14.15 5.82
N ASN B 74 -2.57 -12.90 5.34
CA ASN B 74 -3.00 -11.73 6.11
C ASN B 74 -4.37 -11.17 5.81
N SER B 75 -5.06 -11.81 4.91
CA SER B 75 -6.41 -11.41 4.51
C SER B 75 -6.48 -10.03 3.86
N THR B 76 -5.42 -9.70 3.15
CA THR B 76 -5.40 -8.45 2.41
C THR B 76 -6.63 -8.34 1.52
N PHE B 77 -7.11 -9.46 1.01
CA PHE B 77 -8.17 -9.44 0.05
C PHE B 77 -9.52 -9.83 0.63
N ARG B 78 -9.63 -9.78 1.95
CA ARG B 78 -10.93 -9.79 2.66
C ARG B 78 -11.80 -11.03 2.51
N CYS B 79 -11.18 -12.17 2.26
CA CYS B 79 -11.85 -13.46 2.45
C CYS B 79 -11.77 -13.80 3.92
N VAL B 80 -12.86 -14.29 4.49
CA VAL B 80 -12.90 -14.68 5.91
C VAL B 80 -11.80 -15.72 6.24
N GLN B 81 -11.17 -15.56 7.39
CA GLN B 81 -10.08 -16.47 7.81
C GLN B 81 -10.66 -17.69 8.51
N MET B 82 -10.37 -18.88 7.98
CA MET B 82 -10.63 -20.11 8.68
C MET B 82 -9.50 -20.36 9.66
N LEU B 83 -9.82 -20.61 10.93
CA LEU B 83 -8.83 -20.89 11.97
C LEU B 83 -8.57 -22.38 12.15
N GLU B 84 -9.62 -23.17 12.17
CA GLU B 84 -9.46 -24.61 12.08
C GLU B 84 -10.76 -25.31 11.73
N TRP B 85 -10.67 -26.62 11.60
CA TRP B 85 -11.83 -27.43 11.42
C TRP B 85 -11.69 -28.71 12.19
N PHE B 86 -12.82 -29.30 12.59
CA PHE B 86 -12.81 -30.58 13.30
C PHE B 86 -14.12 -31.31 13.10
N GLU B 87 -14.17 -32.53 13.58
CA GLU B 87 -15.39 -33.33 13.56
C GLU B 87 -15.92 -33.36 14.99
N HIS B 88 -17.23 -33.24 15.15
CA HIS B 88 -17.83 -33.27 16.49
C HIS B 88 -19.15 -33.97 16.40
N HIS B 89 -19.30 -35.03 17.12
CA HIS B 89 -20.44 -35.87 16.95
C HIS B 89 -20.92 -35.92 15.50
N GLY B 90 -19.96 -36.17 14.55
CA GLY B 90 -20.31 -36.63 13.21
C GLY B 90 -20.65 -35.45 12.39
N HIS B 91 -20.36 -34.27 12.90
CA HIS B 91 -20.64 -33.08 12.20
C HIS B 91 -19.35 -32.34 11.94
N ILE B 92 -19.20 -31.89 10.71
CA ILE B 92 -18.03 -31.12 10.34
C ILE B 92 -18.23 -29.71 10.84
N CYS B 93 -17.25 -29.18 11.56
CA CYS B 93 -17.33 -27.86 12.12
C CYS B 93 -16.13 -27.11 11.61
N ILE B 94 -16.35 -25.87 11.18
CA ILE B 94 -15.30 -25.05 10.67
C ILE B 94 -15.26 -23.81 11.52
N VAL B 95 -14.09 -23.46 12.03
CA VAL B 95 -13.93 -22.31 12.91
C VAL B 95 -13.40 -21.14 12.10
N PHE B 96 -14.01 -19.98 12.34
CA PHE B 96 -13.70 -18.75 11.64
C PHE B 96 -13.47 -17.63 12.63
N GLU B 97 -12.72 -16.63 12.20
CA GLU B 97 -12.68 -15.36 12.89
C GLU B 97 -14.11 -14.86 13.02
N LEU B 98 -14.40 -14.17 14.11
CA LEU B 98 -15.75 -13.67 14.34
C LEU B 98 -15.98 -12.30 13.65
N LEU B 99 -17.05 -12.20 12.86
CA LEU B 99 -17.42 -10.96 12.18
C LEU B 99 -18.77 -10.46 12.70
N GLY B 100 -19.26 -9.38 12.13
CA GLY B 100 -20.56 -8.83 12.50
C GLY B 100 -21.67 -9.37 11.62
N LEU B 101 -22.77 -8.62 11.57
CA LEU B 101 -23.92 -8.91 10.70
C LEU B 101 -23.59 -8.96 9.24
N SER B 102 -24.29 -9.83 8.50
CA SER B 102 -24.26 -9.76 7.07
C SER B 102 -24.94 -8.44 6.62
N THR B 103 -24.62 -8.03 5.39
CA THR B 103 -25.19 -6.80 4.82
C THR B 103 -26.71 -6.99 4.68
N TYR B 104 -27.12 -8.25 4.37
CA TYR B 104 -28.54 -8.59 4.34
C TYR B 104 -29.21 -8.33 5.69
N ASP B 105 -28.66 -8.86 6.77
CA ASP B 105 -29.29 -8.70 8.07
C ASP B 105 -29.33 -7.26 8.48
N PHE B 106 -28.32 -6.50 8.10
CA PHE B 106 -28.30 -5.08 8.48
C PHE B 106 -29.43 -4.32 7.80
N ILE B 107 -29.58 -4.56 6.51
CA ILE B 107 -30.68 -3.97 5.75
C ILE B 107 -32.04 -4.35 6.35
N LYS B 108 -32.23 -5.66 6.59
CA LYS B 108 -33.46 -6.18 7.14
C LYS B 108 -33.81 -5.55 8.46
N GLU B 109 -32.85 -5.52 9.38
CA GLU B 109 -33.07 -4.97 10.71
C GLU B 109 -33.24 -3.47 10.71
N ASN B 110 -32.88 -2.83 9.61
CA ASN B 110 -33.10 -1.41 9.46
C ASN B 110 -34.41 -1.09 8.70
N GLY B 111 -35.28 -2.09 8.54
CA GLY B 111 -36.57 -1.89 7.92
C GLY B 111 -36.52 -1.87 6.41
N PHE B 112 -35.54 -2.53 5.85
CA PHE B 112 -35.35 -2.59 4.39
C PHE B 112 -35.13 -1.19 3.78
N LEU B 113 -34.25 -0.42 4.42
CA LEU B 113 -33.77 0.82 3.89
C LEU B 113 -32.40 0.62 3.27
N PRO B 114 -32.08 1.43 2.26
CA PRO B 114 -30.77 1.35 1.64
C PRO B 114 -29.60 1.88 2.50
N PHE B 115 -28.40 1.51 2.11
CA PHE B 115 -27.19 2.16 2.59
C PHE B 115 -26.93 3.55 1.94
N ARG B 116 -26.24 4.42 2.65
CA ARG B 116 -25.74 5.66 2.08
C ARG B 116 -24.71 5.40 1.01
N LEU B 117 -24.62 6.33 0.06
CA LEU B 117 -23.83 6.14 -1.15
C LEU B 117 -22.35 6.02 -0.87
N ASP B 118 -21.83 6.80 0.07
CA ASP B 118 -20.40 6.71 0.46
C ASP B 118 -20.08 5.33 1.08
N HIS B 119 -21.01 4.76 1.81
CA HIS B 119 -20.81 3.40 2.29
C HIS B 119 -20.84 2.44 1.16
N ILE B 120 -21.78 2.62 0.25
CA ILE B 120 -21.85 1.71 -0.88
C ILE B 120 -20.55 1.74 -1.66
N ARG B 121 -19.93 2.91 -1.76
CA ARG B 121 -18.71 3.04 -2.56
C ARG B 121 -17.59 2.20 -1.91
N LYS B 122 -17.46 2.33 -0.61
CA LYS B 122 -16.44 1.61 0.14
C LYS B 122 -16.67 0.09 0.07
N MET B 123 -17.90 -0.32 0.28
CA MET B 123 -18.20 -1.74 0.30
C MET B 123 -18.02 -2.34 -1.08
N ALA B 124 -18.49 -1.61 -2.08
CA ALA B 124 -18.38 -2.08 -3.45
C ALA B 124 -16.91 -2.27 -3.86
N TYR B 125 -16.06 -1.36 -3.43
CA TYR B 125 -14.67 -1.48 -3.75
C TYR B 125 -14.08 -2.75 -3.12
N GLN B 126 -14.36 -2.95 -1.83
CA GLN B 126 -13.87 -4.15 -1.11
C GLN B 126 -14.36 -5.45 -1.69
N ILE B 127 -15.61 -5.48 -2.04
CA ILE B 127 -16.16 -6.68 -2.65
C ILE B 127 -15.45 -6.98 -3.97
N CYS B 128 -15.31 -5.99 -4.83
CA CYS B 128 -14.66 -6.18 -6.12
C CYS B 128 -13.22 -6.58 -5.95
N LYS B 129 -12.54 -5.96 -5.00
CA LYS B 129 -11.17 -6.32 -4.72
C LYS B 129 -11.08 -7.82 -4.26
N SER B 130 -11.99 -8.22 -3.37
CA SER B 130 -11.94 -9.50 -2.83
C SER B 130 -12.22 -10.54 -3.91
N VAL B 131 -13.32 -10.38 -4.61
CA VAL B 131 -13.67 -11.37 -5.60
C VAL B 131 -12.66 -11.42 -6.77
N ASN B 132 -12.02 -10.28 -7.06
CA ASN B 132 -11.02 -10.24 -8.15
C ASN B 132 -9.83 -11.04 -7.72
N PHE B 133 -9.55 -11.02 -6.43
CA PHE B 133 -8.53 -11.91 -5.87
C PHE B 133 -8.87 -13.40 -6.08
N LEU B 134 -10.12 -13.78 -5.83
CA LEU B 134 -10.57 -15.13 -6.18
C LEU B 134 -10.35 -15.41 -7.63
N HIS B 135 -10.75 -14.47 -8.49
CA HIS B 135 -10.56 -14.63 -9.93
C HIS B 135 -9.10 -14.83 -10.26
N SER B 136 -8.21 -14.10 -9.62
CA SER B 136 -6.74 -14.28 -9.86
C SER B 136 -6.26 -15.65 -9.45
N ASN B 137 -6.96 -16.28 -8.52
CA ASN B 137 -6.63 -17.62 -8.08
C ASN B 137 -7.39 -18.71 -8.81
N LYS B 138 -7.94 -18.39 -9.97
CA LYS B 138 -8.59 -19.35 -10.85
C LYS B 138 -9.83 -19.95 -10.21
N LEU B 139 -10.55 -19.09 -9.50
CA LEU B 139 -11.75 -19.45 -8.79
C LEU B 139 -12.88 -18.55 -9.16
N THR B 140 -14.07 -19.12 -9.16
CA THR B 140 -15.34 -18.39 -9.25
C THR B 140 -16.14 -18.71 -7.98
N HIS B 141 -16.67 -17.70 -7.33
CA HIS B 141 -17.42 -17.90 -6.07
C HIS B 141 -18.75 -18.61 -6.30
N THR B 142 -19.51 -18.09 -7.24
CA THR B 142 -20.81 -18.63 -7.70
C THR B 142 -22.01 -18.30 -6.82
N ASP B 143 -21.80 -17.84 -5.60
CA ASP B 143 -22.90 -17.62 -4.72
C ASP B 143 -22.77 -16.31 -3.94
N LEU B 144 -22.35 -15.26 -4.62
CA LEU B 144 -22.31 -13.96 -4.00
C LEU B 144 -23.72 -13.36 -3.84
N LYS B 145 -23.96 -12.79 -2.69
CA LYS B 145 -25.25 -12.20 -2.37
C LYS B 145 -25.08 -11.49 -1.02
N PRO B 146 -26.00 -10.63 -0.66
CA PRO B 146 -25.78 -9.85 0.57
C PRO B 146 -25.63 -10.69 1.85
N GLU B 147 -26.29 -11.84 1.94
CA GLU B 147 -26.11 -12.76 3.07
CA GLU B 147 -26.10 -12.77 3.08
C GLU B 147 -24.63 -13.18 3.22
N ASN B 148 -23.89 -13.22 2.11
CA ASN B 148 -22.48 -13.66 2.08
C ASN B 148 -21.46 -12.56 2.09
N ILE B 149 -21.91 -11.34 2.36
CA ILE B 149 -21.00 -10.26 2.63
C ILE B 149 -21.28 -9.84 4.06
N LEU B 150 -20.23 -9.84 4.88
CA LEU B 150 -20.40 -9.57 6.27
C LEU B 150 -19.58 -8.39 6.64
N PHE B 151 -20.13 -7.58 7.54
CA PHE B 151 -19.37 -6.52 8.14
C PHE B 151 -18.38 -7.07 9.11
N VAL B 152 -17.18 -6.51 9.10
CA VAL B 152 -16.14 -6.87 10.05
C VAL B 152 -16.57 -6.50 11.45
N GLN B 153 -17.14 -5.34 11.61
CA GLN B 153 -17.86 -5.04 12.82
C GLN B 153 -19.07 -4.22 12.49
N SER B 154 -20.15 -4.53 13.18
CA SER B 154 -21.43 -3.91 12.91
C SER B 154 -21.87 -3.04 14.11
N ASP B 155 -20.90 -2.58 14.91
CA ASP B 155 -21.12 -1.43 15.79
C ASP B 155 -21.72 -0.28 14.99
N TYR B 156 -22.42 0.63 15.68
CA TYR B 156 -23.34 1.56 15.03
C TYR B 156 -23.66 2.77 15.92
N THR B 157 -24.22 3.81 15.32
CA THR B 157 -24.84 4.90 16.07
C THR B 157 -26.25 5.08 15.53
N GLU B 158 -27.10 5.67 16.35
CA GLU B 158 -28.52 5.77 16.01
C GLU B 158 -28.91 7.25 16.12
N ALA B 159 -29.47 7.77 15.04
CA ALA B 159 -29.89 9.17 14.98
C ALA B 159 -31.30 9.28 14.41
N TYR B 160 -32.09 10.19 14.95
CA TYR B 160 -33.36 10.53 14.31
C TYR B 160 -33.06 11.01 12.89
N ASN B 161 -33.96 10.70 11.97
CA ASN B 161 -33.75 10.99 10.55
C ASN B 161 -35.06 11.47 9.91
N PRO B 162 -35.24 12.80 9.80
CA PRO B 162 -36.51 13.34 9.29
C PRO B 162 -36.80 13.03 7.81
N LYS B 163 -35.81 12.53 7.06
CA LYS B 163 -36.06 11.95 5.73
C LYS B 163 -36.99 10.73 5.82
N ILE B 164 -36.68 9.80 6.74
CA ILE B 164 -37.55 8.64 7.04
C ILE B 164 -38.57 8.95 8.14
N LYS B 165 -38.46 10.12 8.77
CA LYS B 165 -39.29 10.51 9.93
C LYS B 165 -39.20 9.48 11.07
N ARG B 166 -38.12 8.72 11.10
CA ARG B 166 -37.94 7.62 12.05
C ARG B 166 -36.48 7.58 12.51
N ASP B 167 -36.23 6.99 13.68
CA ASP B 167 -34.87 6.78 14.15
C ASP B 167 -34.20 5.72 13.28
N GLU B 168 -32.87 5.71 13.28
CA GLU B 168 -32.10 5.00 12.26
C GLU B 168 -30.66 4.71 12.68
N ARG B 169 -30.17 3.53 12.33
CA ARG B 169 -28.82 3.09 12.70
C ARG B 169 -27.86 3.38 11.56
N THR B 170 -26.71 3.96 11.87
CA THR B 170 -25.67 4.18 10.88
C THR B 170 -24.44 3.42 11.29
N LEU B 171 -23.82 2.76 10.33
CA LEU B 171 -22.59 2.03 10.57
C LEU B 171 -21.47 2.95 10.92
N ILE B 172 -20.64 2.52 11.87
CA ILE B 172 -19.38 3.20 12.11
C ILE B 172 -18.39 2.78 11.03
N ASN B 173 -18.08 1.50 10.98
CA ASN B 173 -17.07 0.98 10.09
C ASN B 173 -17.76 0.12 9.04
N PRO B 174 -17.69 0.51 7.79
CA PRO B 174 -18.34 -0.30 6.76
C PRO B 174 -17.48 -1.39 6.17
N ASP B 175 -16.30 -1.65 6.70
CA ASP B 175 -15.48 -2.76 6.17
C ASP B 175 -16.22 -4.12 6.15
N ILE B 176 -15.93 -4.91 5.14
CA ILE B 176 -16.58 -6.17 4.95
C ILE B 176 -15.64 -7.29 4.62
N LYS B 177 -16.15 -8.52 4.74
CA LYS B 177 -15.46 -9.72 4.23
C LYS B 177 -16.41 -10.58 3.50
N VAL B 178 -15.88 -11.38 2.61
CA VAL B 178 -16.68 -12.31 1.84
C VAL B 178 -16.59 -13.69 2.51
N VAL B 179 -17.72 -14.34 2.68
CA VAL B 179 -17.80 -15.66 3.25
C VAL B 179 -18.45 -16.62 2.28
N ASP B 180 -18.42 -17.90 2.68
CA ASP B 180 -19.09 -19.01 2.04
C ASP B 180 -18.48 -19.46 0.74
N PHE B 181 -17.49 -20.32 0.87
CA PHE B 181 -16.76 -20.85 -0.28
C PHE B 181 -17.13 -22.27 -0.64
N GLY B 182 -18.29 -22.72 -0.21
CA GLY B 182 -18.69 -24.06 -0.45
C GLY B 182 -19.14 -24.37 -1.87
N SER B 183 -19.41 -23.34 -2.66
CA SER B 183 -19.76 -23.55 -4.08
C SER B 183 -18.62 -23.12 -4.98
N ALA B 184 -17.55 -22.59 -4.38
CA ALA B 184 -16.48 -21.98 -5.18
C ALA B 184 -15.85 -23.02 -6.08
N THR B 185 -15.61 -22.70 -7.34
CA THR B 185 -15.17 -23.68 -8.35
C THR B 185 -13.92 -23.24 -9.08
N TYR B 186 -12.98 -24.14 -9.24
CA TYR B 186 -11.77 -23.87 -10.01
C TYR B 186 -12.04 -23.94 -11.53
N ASP B 187 -11.30 -23.13 -12.28
CA ASP B 187 -11.38 -23.13 -13.73
C ASP B 187 -11.32 -24.53 -14.33
N ASP B 188 -10.46 -25.37 -13.79
CA ASP B 188 -10.20 -26.68 -14.37
C ASP B 188 -11.14 -27.77 -13.81
N GLU B 189 -11.90 -27.44 -12.78
CA GLU B 189 -12.91 -28.36 -12.24
C GLU B 189 -14.12 -28.44 -13.16
N HIS B 190 -14.94 -29.44 -12.92
CA HIS B 190 -16.25 -29.54 -13.54
C HIS B 190 -17.18 -28.40 -13.08
N HIS B 191 -17.85 -27.79 -14.05
CA HIS B 191 -18.82 -26.73 -13.81
C HIS B 191 -20.27 -27.28 -13.83
N SER B 192 -20.91 -27.37 -12.66
CA SER B 192 -22.35 -27.70 -12.56
C SER B 192 -23.22 -26.80 -13.40
N THR B 193 -24.29 -27.35 -13.97
CA THR B 193 -25.23 -26.57 -14.73
C THR B 193 -26.05 -25.54 -13.94
N LEU B 194 -26.47 -25.86 -12.70
CA LEU B 194 -27.14 -24.87 -11.85
C LEU B 194 -26.22 -24.36 -10.77
N VAL B 195 -25.99 -23.04 -10.74
CA VAL B 195 -25.31 -22.35 -9.62
C VAL B 195 -25.97 -20.99 -9.27
N SER B 196 -25.59 -20.43 -8.10
CA SER B 196 -26.08 -19.15 -7.59
C SER B 196 -27.49 -19.26 -6.98
N THR B 197 -27.71 -18.56 -5.86
CA THR B 197 -29.07 -18.22 -5.42
C THR B 197 -29.77 -17.51 -6.58
N ARG B 198 -31.03 -17.85 -6.81
CA ARG B 198 -31.65 -17.48 -8.08
C ARG B 198 -31.74 -15.97 -8.31
N HIS B 199 -31.96 -15.20 -7.24
CA HIS B 199 -32.05 -13.77 -7.38
C HIS B 199 -30.73 -13.16 -7.90
N TYR B 200 -29.60 -13.87 -7.74
CA TYR B 200 -28.29 -13.35 -8.15
C TYR B 200 -27.64 -14.21 -9.26
N ARG B 201 -28.47 -14.95 -9.97
CA ARG B 201 -28.05 -15.82 -11.02
C ARG B 201 -27.98 -15.06 -12.38
N ALA B 202 -26.85 -15.24 -13.05
CA ALA B 202 -26.58 -14.64 -14.33
C ALA B 202 -27.41 -15.28 -15.44
N PRO B 203 -27.73 -14.50 -16.48
CA PRO B 203 -28.43 -15.04 -17.66
C PRO B 203 -27.73 -16.22 -18.37
N GLU B 204 -26.40 -16.27 -18.38
CA GLU B 204 -25.72 -17.40 -19.01
C GLU B 204 -25.95 -18.72 -18.21
N VAL B 205 -26.15 -18.57 -16.92
CA VAL B 205 -26.44 -19.69 -16.06
C VAL B 205 -27.86 -20.17 -16.31
N ILE B 206 -28.82 -19.26 -16.15
CA ILE B 206 -30.22 -19.58 -16.45
C ILE B 206 -30.42 -20.21 -17.83
N LEU B 207 -29.68 -19.76 -18.84
CA LEU B 207 -29.80 -20.30 -20.20
C LEU B 207 -28.84 -21.46 -20.48
N ALA B 208 -28.07 -21.87 -19.48
CA ALA B 208 -27.17 -23.01 -19.60
C ALA B 208 -26.19 -22.87 -20.78
N LEU B 209 -25.54 -21.71 -20.86
CA LEU B 209 -24.61 -21.42 -21.94
C LEU B 209 -23.15 -21.58 -21.50
N GLY B 210 -22.92 -21.98 -20.25
CA GLY B 210 -21.60 -22.03 -19.66
C GLY B 210 -21.40 -20.79 -18.85
N TRP B 211 -20.52 -20.86 -17.88
CA TRP B 211 -20.29 -19.75 -16.99
C TRP B 211 -18.90 -19.88 -16.39
N SER B 212 -18.38 -18.76 -15.91
CA SER B 212 -17.13 -18.75 -15.22
C SER B 212 -17.11 -17.45 -14.48
N GLN B 213 -15.93 -16.82 -14.34
CA GLN B 213 -15.80 -15.59 -13.51
C GLN B 213 -16.86 -14.51 -13.74
N PRO B 214 -17.27 -14.29 -15.00
CA PRO B 214 -18.20 -13.20 -15.23
C PRO B 214 -19.54 -13.32 -14.49
N CYS B 215 -19.95 -14.55 -14.12
CA CYS B 215 -21.23 -14.72 -13.41
C CYS B 215 -21.16 -14.15 -12.01
N ASP B 216 -19.96 -14.10 -11.43
CA ASP B 216 -19.77 -13.36 -10.17
C ASP B 216 -20.04 -11.86 -10.35
N VAL B 217 -19.64 -11.31 -11.50
CA VAL B 217 -19.76 -9.87 -11.74
C VAL B 217 -21.22 -9.48 -11.86
N TRP B 218 -21.98 -10.31 -12.57
CA TRP B 218 -23.41 -10.13 -12.58
C TRP B 218 -23.98 -10.08 -11.15
N SER B 219 -23.54 -11.00 -10.30
CA SER B 219 -24.08 -11.08 -8.94
C SER B 219 -23.75 -9.84 -8.18
N ILE B 220 -22.54 -9.34 -8.38
CA ILE B 220 -22.13 -8.12 -7.70
C ILE B 220 -22.99 -6.89 -8.11
N GLY B 221 -23.29 -6.80 -9.40
CA GLY B 221 -24.23 -5.82 -9.90
C GLY B 221 -25.55 -5.84 -9.19
N CYS B 222 -26.06 -7.05 -8.95
CA CYS B 222 -27.33 -7.24 -8.27
C CYS B 222 -27.23 -6.77 -6.84
N ILE B 223 -26.14 -7.10 -6.22
CA ILE B 223 -25.88 -6.68 -4.87
C ILE B 223 -25.82 -5.16 -4.73
N LEU B 224 -25.09 -4.51 -5.61
CA LEU B 224 -24.96 -3.06 -5.52
C LEU B 224 -26.29 -2.33 -5.68
N ILE B 225 -27.13 -2.81 -6.60
CA ILE B 225 -28.43 -2.18 -6.76
C ILE B 225 -29.33 -2.40 -5.51
N GLU B 226 -29.14 -3.51 -4.80
CA GLU B 226 -29.97 -3.77 -3.59
C GLU B 226 -29.50 -2.93 -2.43
N TYR B 227 -28.21 -2.74 -2.32
CA TYR B 227 -27.69 -1.78 -1.36
C TYR B 227 -28.25 -0.37 -1.60
N TYR B 228 -28.41 0.00 -2.87
CA TYR B 228 -28.90 1.33 -3.23
C TYR B 228 -30.39 1.49 -2.98
N LEU B 229 -31.15 0.42 -3.22
CA LEU B 229 -32.59 0.44 -3.07
C LEU B 229 -33.09 -0.05 -1.75
N GLY B 230 -32.36 -1.00 -1.15
CA GLY B 230 -32.78 -1.60 0.10
C GLY B 230 -33.80 -2.71 -0.04
N PHE B 231 -34.05 -3.14 -1.27
CA PHE B 231 -34.81 -4.31 -1.49
C PHE B 231 -34.21 -5.11 -2.62
N THR B 232 -34.71 -6.33 -2.80
CA THR B 232 -34.23 -7.27 -3.82
C THR B 232 -34.75 -6.90 -5.17
N VAL B 233 -33.86 -6.89 -6.15
CA VAL B 233 -34.22 -6.35 -7.44
C VAL B 233 -34.98 -7.40 -8.28
N PHE B 234 -34.65 -8.67 -8.08
CA PHE B 234 -35.35 -9.75 -8.81
C PHE B 234 -36.13 -10.69 -7.87
N PRO B 235 -37.21 -10.19 -7.27
CA PRO B 235 -37.91 -10.99 -6.28
C PRO B 235 -38.77 -12.08 -6.94
N THR B 236 -38.21 -13.25 -7.19
CA THR B 236 -38.95 -14.30 -7.88
C THR B 236 -38.28 -15.63 -7.70
N HIS B 237 -39.08 -16.68 -7.88
CA HIS B 237 -38.60 -18.06 -7.84
C HIS B 237 -38.91 -18.82 -9.15
N ASP B 238 -39.22 -18.09 -10.21
CA ASP B 238 -39.46 -18.66 -11.51
C ASP B 238 -38.42 -18.11 -12.47
N SER B 239 -37.82 -18.97 -13.28
CA SER B 239 -36.77 -18.57 -14.21
C SER B 239 -37.29 -17.71 -15.36
N LYS B 240 -38.47 -18.03 -15.88
CA LYS B 240 -39.04 -17.25 -16.96
C LYS B 240 -39.38 -15.83 -16.45
N GLU B 241 -39.99 -15.75 -15.26
CA GLU B 241 -40.36 -14.46 -14.67
C GLU B 241 -39.11 -13.63 -14.41
N HIS B 242 -38.04 -14.30 -14.02
CA HIS B 242 -36.78 -13.66 -13.77
C HIS B 242 -36.26 -13.02 -15.06
N LEU B 243 -36.34 -13.78 -16.15
CA LEU B 243 -35.93 -13.27 -17.44
C LEU B 243 -36.81 -12.11 -17.85
N ALA B 244 -38.11 -12.20 -17.54
CA ALA B 244 -39.03 -11.11 -17.84
C ALA B 244 -38.62 -9.87 -17.06
N MET B 245 -38.24 -10.05 -15.80
CA MET B 245 -37.76 -8.95 -15.01
C MET B 245 -36.48 -8.33 -15.62
N MET B 246 -35.56 -9.16 -16.08
CA MET B 246 -34.36 -8.65 -16.76
C MET B 246 -34.71 -7.79 -17.95
N GLU B 247 -35.67 -8.23 -18.76
CA GLU B 247 -36.07 -7.48 -19.95
C GLU B 247 -36.61 -6.14 -19.56
N ARG B 248 -37.48 -6.12 -18.54
CA ARG B 248 -38.13 -4.89 -18.09
C ARG B 248 -37.13 -3.88 -17.56
N ILE B 249 -36.09 -4.35 -16.92
CA ILE B 249 -35.06 -3.50 -16.34
C ILE B 249 -33.92 -3.16 -17.28
N LEU B 250 -33.44 -4.15 -18.01
CA LEU B 250 -32.26 -4.03 -18.85
C LEU B 250 -32.53 -4.03 -20.36
N GLY B 251 -33.78 -4.21 -20.77
CA GLY B 251 -34.08 -4.38 -22.20
C GLY B 251 -33.94 -5.83 -22.67
N PRO B 252 -34.22 -6.06 -23.96
CA PRO B 252 -34.33 -7.45 -24.46
C PRO B 252 -33.00 -8.16 -24.58
N LEU B 253 -33.04 -9.47 -24.50
CA LEU B 253 -31.82 -10.26 -24.51
C LEU B 253 -31.25 -10.33 -25.91
N PRO B 254 -29.92 -10.36 -26.02
CA PRO B 254 -29.29 -10.45 -27.34
C PRO B 254 -29.73 -11.69 -28.12
N LYS B 255 -30.06 -11.50 -29.41
CA LYS B 255 -30.52 -12.59 -30.25
C LYS B 255 -29.54 -13.75 -30.20
N HIS B 256 -28.23 -13.47 -30.19
CA HIS B 256 -27.27 -14.55 -30.28
C HIS B 256 -27.31 -15.49 -29.06
N MET B 257 -27.64 -14.96 -27.90
CA MET B 257 -27.79 -15.82 -26.71
C MET B 257 -29.06 -16.66 -26.78
N ILE B 258 -30.15 -16.05 -27.24
CA ILE B 258 -31.43 -16.76 -27.40
C ILE B 258 -31.28 -17.95 -28.34
N GLN B 259 -30.84 -17.69 -29.57
CA GLN B 259 -30.65 -18.75 -30.57
C GLN B 259 -29.82 -19.91 -30.00
N LYS B 260 -28.85 -19.57 -29.16
CA LYS B 260 -27.85 -20.53 -28.71
C LYS B 260 -28.28 -21.43 -27.54
N THR B 261 -29.27 -21.02 -26.75
CA THR B 261 -29.65 -21.79 -25.56
C THR B 261 -30.39 -23.10 -25.88
N ARG B 262 -30.17 -24.11 -25.04
CA ARG B 262 -30.90 -25.38 -25.18
C ARG B 262 -32.27 -25.31 -24.50
N LYS B 263 -32.57 -24.21 -23.80
CA LYS B 263 -33.84 -24.04 -23.11
C LYS B 263 -34.83 -23.22 -23.94
N ARG B 264 -35.16 -23.74 -25.13
CA ARG B 264 -36.09 -23.08 -26.04
C ARG B 264 -37.47 -22.89 -25.39
N LYS B 265 -37.74 -23.70 -24.38
CA LYS B 265 -38.90 -23.54 -23.49
C LYS B 265 -39.34 -22.10 -23.29
N TYR B 266 -38.40 -21.23 -22.96
CA TYR B 266 -38.72 -19.87 -22.54
C TYR B 266 -39.09 -18.93 -23.69
N PHE B 267 -38.95 -19.38 -24.94
CA PHE B 267 -38.99 -18.47 -26.10
C PHE B 267 -39.91 -18.88 -27.25
N HIS B 268 -40.35 -17.88 -28.02
CA HIS B 268 -41.05 -18.10 -29.26
C HIS B 268 -40.50 -17.06 -30.24
N HIS B 269 -39.91 -17.53 -31.34
CA HIS B 269 -39.41 -16.68 -32.42
C HIS B 269 -38.42 -15.62 -31.96
N ASP B 270 -37.35 -16.06 -31.29
CA ASP B 270 -36.26 -15.16 -30.90
C ASP B 270 -36.70 -14.05 -29.91
N ARG B 271 -37.87 -14.21 -29.28
CA ARG B 271 -38.29 -13.30 -28.19
C ARG B 271 -38.91 -14.12 -27.05
N LEU B 272 -38.88 -13.55 -25.84
CA LEU B 272 -39.34 -14.27 -24.65
C LEU B 272 -40.82 -14.49 -24.73
N ASP B 273 -41.25 -15.72 -24.47
CA ASP B 273 -42.68 -16.05 -24.54
C ASP B 273 -43.36 -15.62 -23.24
N TRP B 274 -43.83 -14.38 -23.22
CA TRP B 274 -44.26 -13.70 -22.00
C TRP B 274 -45.42 -12.77 -22.29
N ASP B 275 -46.52 -12.93 -21.57
CA ASP B 275 -47.68 -12.06 -21.78
C ASP B 275 -47.73 -10.98 -20.68
N GLU B 276 -47.35 -9.75 -21.05
CA GLU B 276 -47.42 -8.57 -20.16
C GLU B 276 -48.82 -8.33 -19.54
N HIS B 277 -49.89 -8.63 -20.27
CA HIS B 277 -51.25 -8.42 -19.76
C HIS B 277 -51.74 -9.55 -18.87
N SER B 278 -50.95 -10.61 -18.73
CA SER B 278 -51.20 -11.64 -17.75
C SER B 278 -51.00 -11.06 -16.36
N SER B 279 -51.33 -11.84 -15.33
CA SER B 279 -51.14 -11.33 -13.97
C SER B 279 -49.68 -11.19 -13.59
N ALA B 280 -48.92 -12.25 -13.76
CA ALA B 280 -47.51 -12.17 -13.55
C ALA B 280 -46.89 -11.13 -14.48
N GLY B 281 -47.47 -10.94 -15.65
CA GLY B 281 -47.00 -9.90 -16.57
C GLY B 281 -47.06 -8.53 -15.92
N ARG B 282 -48.24 -8.20 -15.36
CA ARG B 282 -48.43 -6.96 -14.64
C ARG B 282 -47.61 -6.89 -13.32
N TYR B 283 -47.47 -7.99 -12.59
CA TYR B 283 -46.54 -8.03 -11.46
C TYR B 283 -45.13 -7.53 -11.89
N VAL B 284 -44.59 -8.13 -12.94
CA VAL B 284 -43.30 -7.72 -13.46
C VAL B 284 -43.34 -6.28 -13.98
N SER B 285 -44.45 -5.89 -14.58
CA SER B 285 -44.53 -4.55 -15.08
C SER B 285 -44.40 -3.47 -13.94
N ARG B 286 -44.81 -3.83 -12.73
CA ARG B 286 -44.84 -2.88 -11.62
C ARG B 286 -43.71 -3.04 -10.60
N ALA B 287 -43.14 -4.23 -10.52
CA ALA B 287 -42.00 -4.44 -9.65
C ALA B 287 -40.71 -4.02 -10.32
N CYS B 288 -40.78 -3.84 -11.62
CA CYS B 288 -39.59 -3.61 -12.38
C CYS B 288 -39.79 -2.46 -13.36
N LYS B 289 -38.74 -1.69 -13.59
CA LYS B 289 -38.76 -0.58 -14.55
C LYS B 289 -37.33 -0.40 -15.10
N PRO B 290 -37.18 0.39 -16.16
CA PRO B 290 -35.81 0.60 -16.68
C PRO B 290 -34.79 1.02 -15.61
N LEU B 291 -33.63 0.40 -15.65
CA LEU B 291 -32.60 0.60 -14.64
C LEU B 291 -32.49 2.05 -14.16
N LYS B 292 -32.31 3.00 -15.07
CA LYS B 292 -31.96 4.37 -14.66
C LYS B 292 -33.11 5.05 -13.97
N GLU B 293 -34.32 4.55 -14.15
CA GLU B 293 -35.47 5.11 -13.41
C GLU B 293 -35.42 4.79 -11.93
N PHE B 294 -34.59 3.83 -11.52
CA PHE B 294 -34.40 3.54 -10.09
C PHE B 294 -33.59 4.57 -9.34
N MET B 295 -32.93 5.47 -10.08
CA MET B 295 -32.06 6.47 -9.49
C MET B 295 -32.86 7.41 -8.65
N LEU B 296 -32.30 7.79 -7.51
CA LEU B 296 -32.97 8.68 -6.56
C LEU B 296 -32.48 10.12 -6.69
N SER B 297 -31.47 10.33 -7.52
CA SER B 297 -30.89 11.64 -7.73
C SER B 297 -30.13 11.67 -9.03
N GLN B 298 -30.00 12.85 -9.61
CA GLN B 298 -29.26 13.05 -10.86
C GLN B 298 -27.79 13.44 -10.61
N ASP B 299 -27.45 13.68 -9.34
CA ASP B 299 -26.08 13.93 -8.94
C ASP B 299 -25.13 12.94 -9.61
N VAL B 300 -23.96 13.43 -9.96
CA VAL B 300 -22.98 12.67 -10.70
C VAL B 300 -22.51 11.41 -9.98
N GLU B 301 -22.30 11.45 -8.68
CA GLU B 301 -21.96 10.20 -7.98
C GLU B 301 -23.01 9.08 -8.18
N HIS B 302 -24.27 9.44 -8.18
CA HIS B 302 -25.33 8.46 -8.46
C HIS B 302 -25.24 7.94 -9.87
N GLU B 303 -25.00 8.83 -10.82
CA GLU B 303 -24.83 8.41 -12.20
C GLU B 303 -23.63 7.51 -12.35
N ARG B 304 -22.56 7.81 -11.65
CA ARG B 304 -21.38 6.99 -11.77
C ARG B 304 -21.64 5.57 -11.28
N LEU B 305 -22.33 5.45 -10.15
CA LEU B 305 -22.70 4.12 -9.65
C LEU B 305 -23.53 3.37 -10.69
N PHE B 306 -24.52 4.05 -11.25
CA PHE B 306 -25.42 3.37 -12.15
C PHE B 306 -24.80 3.00 -13.45
N ASP B 307 -23.79 3.72 -13.85
CA ASP B 307 -23.03 3.37 -15.02
C ASP B 307 -22.27 2.10 -14.74
N LEU B 308 -21.65 1.99 -13.57
CA LEU B 308 -20.95 0.78 -13.19
C LEU B 308 -21.88 -0.43 -13.10
N ILE B 309 -23.00 -0.25 -12.43
CA ILE B 309 -23.98 -1.32 -12.32
C ILE B 309 -24.40 -1.84 -13.71
N GLN B 310 -24.72 -0.91 -14.59
CA GLN B 310 -25.11 -1.26 -15.93
C GLN B 310 -24.06 -2.08 -16.64
N LYS B 311 -22.80 -1.75 -16.43
CA LYS B 311 -21.76 -2.54 -17.05
C LYS B 311 -21.62 -3.95 -16.42
N MET B 312 -21.91 -4.06 -15.15
CA MET B 312 -21.95 -5.35 -14.48
C MET B 312 -23.11 -6.20 -14.92
N LEU B 313 -24.22 -5.57 -15.28
CA LEU B 313 -25.39 -6.30 -15.73
C LEU B 313 -25.48 -6.40 -17.23
N GLU B 314 -24.35 -6.43 -17.91
CA GLU B 314 -24.32 -6.66 -19.36
C GLU B 314 -24.70 -8.11 -19.56
N TYR B 315 -25.69 -8.34 -20.41
CA TYR B 315 -26.17 -9.69 -20.70
C TYR B 315 -25.07 -10.67 -21.16
N ASP B 316 -24.25 -10.25 -22.11
CA ASP B 316 -23.25 -11.13 -22.70
C ASP B 316 -22.06 -11.23 -21.76
N PRO B 317 -21.78 -12.44 -21.23
CA PRO B 317 -20.63 -12.53 -20.33
C PRO B 317 -19.26 -12.21 -21.00
N ALA B 318 -19.16 -12.39 -22.29
CA ALA B 318 -17.92 -12.04 -23.00
C ALA B 318 -17.70 -10.51 -23.07
N LYS B 319 -18.76 -9.73 -22.97
CA LYS B 319 -18.69 -8.26 -23.00
C LYS B 319 -18.73 -7.61 -21.62
N ARG B 320 -19.09 -8.39 -20.60
CA ARG B 320 -19.32 -7.85 -19.29
C ARG B 320 -18.03 -7.34 -18.70
N ILE B 321 -18.12 -6.28 -17.96
CA ILE B 321 -16.97 -5.70 -17.36
C ILE B 321 -16.34 -6.71 -16.42
N THR B 322 -15.02 -6.77 -16.39
CA THR B 322 -14.31 -7.55 -15.42
C THR B 322 -14.12 -6.72 -14.15
N LEU B 323 -13.79 -7.39 -13.07
CA LEU B 323 -13.54 -6.69 -11.82
C LEU B 323 -12.25 -5.89 -11.87
N ARG B 324 -11.26 -6.37 -12.61
CA ARG B 324 -10.07 -5.60 -12.86
C ARG B 324 -10.44 -4.22 -13.41
N GLU B 325 -11.26 -4.19 -14.45
CA GLU B 325 -11.71 -2.92 -15.03
C GLU B 325 -12.58 -2.14 -14.04
N ALA B 326 -13.46 -2.84 -13.33
CA ALA B 326 -14.40 -2.17 -12.45
C ALA B 326 -13.72 -1.35 -11.36
N LEU B 327 -12.59 -1.87 -10.86
CA LEU B 327 -11.81 -1.20 -9.81
C LEU B 327 -11.23 0.15 -10.25
N LYS B 328 -11.18 0.40 -11.56
CA LYS B 328 -10.73 1.68 -12.11
C LYS B 328 -11.89 2.55 -12.49
N HIS B 329 -13.10 2.17 -12.15
CA HIS B 329 -14.24 2.93 -12.58
C HIS B 329 -14.30 4.22 -11.75
N PRO B 330 -14.75 5.32 -12.36
CA PRO B 330 -14.84 6.66 -11.75
C PRO B 330 -15.60 6.74 -10.42
N PHE B 331 -16.60 5.89 -10.28
CA PHE B 331 -17.29 5.72 -9.00
C PHE B 331 -16.34 5.51 -7.82
N PHE B 332 -15.18 4.92 -8.07
CA PHE B 332 -14.24 4.74 -6.97
C PHE B 332 -13.23 5.85 -6.81
N ASP B 333 -13.18 6.82 -7.74
CA ASP B 333 -12.20 7.93 -7.63
C ASP B 333 -12.18 8.63 -6.27
N LEU B 334 -13.35 8.85 -5.67
CA LEU B 334 -13.38 9.48 -4.35
C LEU B 334 -12.59 8.69 -3.25
N LEU B 335 -12.39 7.38 -3.40
CA LEU B 335 -11.57 6.63 -2.44
C LEU B 335 -10.06 6.79 -2.66
N LYS B 336 -9.65 7.61 -3.61
CA LYS B 336 -8.25 7.64 -4.01
C LYS B 336 -7.69 9.06 -3.94
N LYS B 337 -6.42 9.17 -3.56
CA LYS B 337 -5.78 10.47 -3.36
C LYS B 337 -5.82 11.36 -4.61
N SER C 1 14.11 -23.42 1.80
CA SER C 1 13.14 -23.98 0.81
C SER C 1 13.75 -24.18 -0.57
N MET C 2 14.19 -23.08 -1.20
CA MET C 2 14.30 -23.07 -2.66
C MET C 2 15.26 -24.11 -3.26
N HIS C 3 16.44 -24.24 -2.68
CA HIS C 3 17.32 -25.36 -3.02
C HIS C 3 16.49 -26.67 -3.18
N LEU C 4 15.64 -26.94 -2.19
CA LEU C 4 14.92 -28.20 -2.13
C LEU C 4 13.84 -28.42 -3.20
N ILE C 5 13.48 -27.40 -3.96
CA ILE C 5 12.33 -27.53 -4.88
C ILE C 5 12.58 -26.95 -6.26
N CYS C 6 13.85 -26.67 -6.60
CA CYS C 6 14.21 -26.07 -7.88
C CYS C 6 15.27 -26.85 -8.61
N GLN C 7 15.51 -28.11 -8.18
CA GLN C 7 16.57 -28.97 -8.77
C GLN C 7 16.21 -29.67 -10.08
N SER C 8 17.21 -29.97 -10.85
CA SER C 8 17.01 -30.57 -12.16
C SER C 8 16.32 -31.92 -12.03
N GLY C 9 15.29 -32.16 -12.84
CA GLY C 9 14.48 -33.38 -12.71
C GLY C 9 13.22 -33.22 -11.87
N ASP C 10 13.15 -32.20 -11.04
CA ASP C 10 11.93 -31.94 -10.30
C ASP C 10 10.78 -31.64 -11.23
N VAL C 11 9.58 -31.96 -10.77
CA VAL C 11 8.37 -31.66 -11.49
C VAL C 11 7.56 -30.64 -10.70
N LEU C 12 7.20 -29.53 -11.33
CA LEU C 12 6.39 -28.53 -10.69
C LEU C 12 4.96 -28.67 -11.12
N SER C 13 4.04 -28.63 -10.15
CA SER C 13 2.62 -28.55 -10.43
C SER C 13 2.19 -29.74 -11.29
N ALA C 14 2.81 -30.89 -11.07
CA ALA C 14 2.47 -32.09 -11.86
C ALA C 14 2.52 -31.84 -13.38
N ARG C 15 3.49 -31.07 -13.86
CA ARG C 15 3.41 -30.58 -15.20
C ARG C 15 4.77 -30.20 -15.80
N TYR C 16 5.54 -29.39 -15.09
CA TYR C 16 6.74 -28.82 -15.64
C TYR C 16 7.98 -29.49 -15.10
N GLU C 17 8.77 -30.11 -15.97
CA GLU C 17 9.98 -30.80 -15.53
C GLU C 17 11.18 -29.91 -15.72
N ILE C 18 11.85 -29.59 -14.61
CA ILE C 18 12.98 -28.69 -14.59
C ILE C 18 14.14 -29.34 -15.31
N VAL C 19 14.72 -28.60 -16.25
CA VAL C 19 15.85 -29.03 -17.01
C VAL C 19 17.09 -28.35 -16.47
N ASP C 20 17.07 -27.02 -16.32
CA ASP C 20 18.27 -26.30 -15.88
C ASP C 20 17.97 -24.90 -15.41
N THR C 21 18.90 -24.28 -14.68
CA THR C 21 18.73 -22.94 -14.19
C THR C 21 19.16 -21.94 -15.25
N LEU C 22 18.31 -20.96 -15.55
CA LEU C 22 18.60 -19.88 -16.49
C LEU C 22 19.20 -18.64 -15.81
N GLY C 23 18.77 -18.32 -14.61
CA GLY C 23 19.27 -17.19 -13.90
C GLY C 23 18.77 -17.21 -12.48
N GLU C 24 19.44 -16.49 -11.63
CA GLU C 24 19.02 -16.35 -10.28
C GLU C 24 19.23 -14.94 -9.80
N GLY C 25 18.57 -14.60 -8.71
CA GLY C 25 18.50 -13.23 -8.23
C GLY C 25 18.13 -13.27 -6.77
N ALA C 26 17.92 -12.10 -6.18
CA ALA C 26 17.48 -12.03 -4.77
C ALA C 26 16.00 -12.37 -4.73
N PHE C 27 15.33 -12.18 -5.85
CA PHE C 27 13.95 -12.58 -5.98
C PHE C 27 13.71 -14.10 -5.98
N GLY C 28 14.73 -14.89 -6.33
CA GLY C 28 14.59 -16.37 -6.50
C GLY C 28 15.29 -16.77 -7.79
N LYS C 29 14.72 -17.68 -8.58
CA LYS C 29 15.38 -18.12 -9.79
C LYS C 29 14.45 -18.34 -10.94
N VAL C 30 15.02 -18.48 -12.13
CA VAL C 30 14.31 -18.78 -13.34
C VAL C 30 14.89 -20.06 -13.86
N VAL C 31 14.05 -21.06 -14.10
CA VAL C 31 14.53 -22.34 -14.60
C VAL C 31 13.90 -22.64 -15.93
N GLU C 32 14.61 -23.35 -16.78
CA GLU C 32 14.04 -23.89 -17.97
C GLU C 32 13.32 -25.18 -17.62
N CYS C 33 12.10 -25.33 -18.13
CA CYS C 33 11.32 -26.55 -17.93
C CYS C 33 10.73 -27.10 -19.22
N ILE C 34 10.54 -28.42 -19.22
CA ILE C 34 9.73 -29.08 -20.21
C ILE C 34 8.29 -29.11 -19.74
N ASP C 35 7.37 -28.58 -20.54
CA ASP C 35 5.96 -28.59 -20.19
C ASP C 35 5.29 -29.83 -20.75
N HIS C 36 5.02 -30.81 -19.88
CA HIS C 36 4.51 -32.12 -20.31
C HIS C 36 3.04 -32.12 -20.68
N LYS C 37 2.27 -31.11 -20.28
CA LYS C 37 0.89 -31.01 -20.74
C LYS C 37 0.81 -30.32 -22.08
N ALA C 38 1.84 -29.58 -22.47
CA ALA C 38 1.81 -28.88 -23.78
C ALA C 38 2.80 -29.47 -24.77
N GLY C 39 2.89 -30.78 -24.79
CA GLY C 39 3.54 -31.49 -25.87
C GLY C 39 5.04 -31.53 -25.76
N GLY C 40 5.56 -31.07 -24.64
CA GLY C 40 7.00 -30.98 -24.46
C GLY C 40 7.61 -29.61 -24.67
N ARG C 41 6.81 -28.56 -24.91
CA ARG C 41 7.37 -27.25 -25.16
C ARG C 41 8.26 -26.90 -23.97
N HIS C 42 9.44 -26.37 -24.23
CA HIS C 42 10.23 -25.76 -23.20
C HIS C 42 9.66 -24.39 -22.83
N VAL C 43 9.69 -24.07 -21.54
CA VAL C 43 9.24 -22.82 -21.05
C VAL C 43 10.24 -22.34 -19.99
N ALA C 44 10.04 -21.12 -19.49
CA ALA C 44 10.84 -20.61 -18.40
C ALA C 44 9.92 -20.43 -17.25
N VAL C 45 10.37 -20.82 -16.07
CA VAL C 45 9.57 -20.65 -14.88
C VAL C 45 10.36 -19.90 -13.87
N LYS C 46 9.76 -18.83 -13.40
CA LYS C 46 10.34 -18.01 -12.37
C LYS C 46 9.79 -18.49 -11.06
N ILE C 47 10.68 -18.92 -10.15
CA ILE C 47 10.27 -19.39 -8.86
C ILE C 47 10.64 -18.31 -7.90
N VAL C 48 9.65 -17.83 -7.19
CA VAL C 48 9.81 -16.67 -6.37
C VAL C 48 10.03 -17.07 -4.93
N LYS C 49 10.97 -16.43 -4.29
CA LYS C 49 11.26 -16.75 -2.90
C LYS C 49 10.05 -16.44 -2.02
N ASN C 50 9.87 -17.25 -1.00
CA ASN C 50 8.76 -17.10 -0.08
C ASN C 50 9.03 -16.07 1.02
N VAL C 51 9.05 -14.82 0.60
CA VAL C 51 9.34 -13.69 1.42
C VAL C 51 8.36 -12.62 0.95
N ASP C 52 7.64 -12.01 1.90
CA ASP C 52 6.55 -11.06 1.61
C ASP C 52 6.92 -10.05 0.56
N ARG C 53 8.02 -9.36 0.77
CA ARG C 53 8.54 -8.40 -0.21
C ARG C 53 8.45 -8.97 -1.60
N TYR C 54 8.95 -10.18 -1.81
CA TYR C 54 9.05 -10.73 -3.18
C TYR C 54 7.76 -11.33 -3.68
N CYS C 55 6.94 -11.84 -2.77
CA CYS C 55 5.58 -12.25 -3.12
C CYS C 55 4.73 -11.08 -3.64
N GLU C 56 4.71 -9.97 -2.91
CA GLU C 56 4.07 -8.74 -3.36
C GLU C 56 4.45 -8.37 -4.78
N ALA C 57 5.76 -8.23 -5.03
CA ALA C 57 6.27 -7.91 -6.38
C ALA C 57 5.84 -8.89 -7.43
N ALA C 58 5.73 -10.16 -7.05
CA ALA C 58 5.32 -11.15 -8.05
C ALA C 58 3.84 -11.01 -8.35
N ARG C 59 3.01 -10.79 -7.36
CA ARG C 59 1.57 -10.59 -7.60
C ARG C 59 1.41 -9.39 -8.52
N SER C 60 2.18 -8.36 -8.21
CA SER C 60 2.19 -7.16 -8.99
C SER C 60 2.56 -7.47 -10.45
N GLU C 61 3.64 -8.25 -10.64
CA GLU C 61 4.09 -8.56 -11.98
C GLU C 61 3.00 -9.26 -12.72
N ILE C 62 2.25 -10.09 -12.03
CA ILE C 62 1.21 -10.87 -12.67
C ILE C 62 0.10 -9.94 -13.16
N GLN C 63 -0.27 -8.96 -12.37
CA GLN C 63 -1.31 -8.06 -12.77
C GLN C 63 -0.85 -7.30 -14.02
N VAL C 64 0.33 -6.72 -13.95
CA VAL C 64 0.86 -6.03 -15.09
C VAL C 64 0.93 -6.87 -16.38
N LEU C 65 1.30 -8.12 -16.27
CA LEU C 65 1.46 -8.91 -17.50
C LEU C 65 0.13 -9.36 -18.08
N GLU C 66 -0.88 -9.49 -17.24
CA GLU C 66 -2.21 -9.84 -17.70
C GLU C 66 -2.71 -8.70 -18.52
N HIS C 67 -2.41 -7.49 -18.04
CA HIS C 67 -2.81 -6.32 -18.73
C HIS C 67 -2.08 -6.31 -20.08
N LEU C 68 -0.77 -6.32 -20.05
CA LEU C 68 -0.01 -6.17 -21.31
C LEU C 68 -0.22 -7.30 -22.32
N ASN C 69 -0.41 -8.54 -21.87
CA ASN C 69 -0.54 -9.61 -22.83
C ASN C 69 -1.93 -9.61 -23.47
N THR C 70 -2.87 -8.97 -22.77
CA THR C 70 -4.23 -8.77 -23.24
C THR C 70 -4.28 -7.63 -24.25
N THR C 71 -3.65 -6.52 -23.88
CA THR C 71 -3.53 -5.38 -24.77
C THR C 71 -2.76 -5.74 -26.03
N ASP C 72 -1.79 -6.64 -25.93
CA ASP C 72 -0.90 -6.94 -27.04
C ASP C 72 -0.63 -8.45 -27.16
N PRO C 73 -1.67 -9.23 -27.41
CA PRO C 73 -1.54 -10.66 -27.47
C PRO C 73 -0.43 -11.17 -28.41
N ASN C 74 -0.13 -10.47 -29.50
CA ASN C 74 0.88 -10.97 -30.46
C ASN C 74 2.27 -10.50 -30.17
N SER C 75 2.39 -9.67 -29.12
CA SER C 75 3.65 -9.19 -28.65
C SER C 75 4.32 -8.28 -29.67
N THR C 76 3.52 -7.53 -30.39
CA THR C 76 4.04 -6.52 -31.29
C THR C 76 5.02 -5.60 -30.57
N PHE C 77 4.82 -5.34 -29.28
CA PHE C 77 5.66 -4.38 -28.57
C PHE C 77 6.66 -5.04 -27.63
N ARG C 78 6.85 -6.34 -27.83
CA ARG C 78 8.01 -7.06 -27.29
C ARG C 78 8.15 -7.17 -25.79
N CYS C 79 7.05 -7.14 -25.08
CA CYS C 79 7.02 -7.56 -23.68
C CYS C 79 6.86 -9.06 -23.63
N VAL C 80 7.61 -9.72 -22.75
CA VAL C 80 7.58 -11.18 -22.66
C VAL C 80 6.13 -11.64 -22.42
N GLN C 81 5.75 -12.78 -23.00
CA GLN C 81 4.46 -13.43 -22.72
C GLN C 81 4.49 -14.33 -21.45
N MET C 82 3.62 -14.03 -20.50
CA MET C 82 3.31 -14.91 -19.38
C MET C 82 2.27 -15.94 -19.77
N LEU C 83 2.54 -17.20 -19.53
CA LEU C 83 1.63 -18.28 -19.92
C LEU C 83 0.73 -18.73 -18.80
N GLU C 84 1.27 -18.83 -17.60
CA GLU C 84 0.45 -18.98 -16.44
C GLU C 84 1.22 -18.76 -15.17
N TRP C 85 0.52 -18.90 -14.07
CA TRP C 85 1.16 -18.89 -12.80
C TRP C 85 0.55 -19.93 -11.91
N PHE C 86 1.31 -20.40 -10.92
CA PHE C 86 0.75 -21.27 -9.92
C PHE C 86 1.55 -21.19 -8.61
N GLU C 87 1.08 -21.91 -7.61
CA GLU C 87 1.74 -22.02 -6.33
C GLU C 87 2.35 -23.43 -6.24
N HIS C 88 3.50 -23.51 -5.59
CA HIS C 88 4.19 -24.77 -5.43
C HIS C 88 4.97 -24.72 -4.15
N HIS C 89 4.61 -25.56 -3.19
CA HIS C 89 5.21 -25.51 -1.88
C HIS C 89 5.42 -24.06 -1.41
N GLY C 90 4.39 -23.23 -1.57
CA GLY C 90 4.34 -21.90 -0.92
C GLY C 90 5.07 -20.84 -1.71
N HIS C 91 5.51 -21.24 -2.90
CA HIS C 91 6.24 -20.43 -3.73
C HIS C 91 5.39 -20.11 -4.94
N ILE C 92 5.35 -18.84 -5.28
CA ILE C 92 4.68 -18.39 -6.47
C ILE C 92 5.59 -18.67 -7.60
N CYS C 93 5.05 -19.29 -8.64
CA CYS C 93 5.82 -19.55 -9.85
C CYS C 93 5.09 -18.97 -11.06
N ILE C 94 5.82 -18.34 -11.96
CA ILE C 94 5.21 -17.67 -13.09
C ILE C 94 5.84 -18.26 -14.30
N VAL C 95 5.02 -18.68 -15.25
CA VAL C 95 5.53 -19.36 -16.41
C VAL C 95 5.55 -18.36 -17.58
N PHE C 96 6.63 -18.39 -18.34
CA PHE C 96 6.87 -17.48 -19.46
C PHE C 96 7.29 -18.29 -20.67
N GLU C 97 7.05 -17.72 -21.84
CA GLU C 97 7.65 -18.20 -23.06
C GLU C 97 9.16 -18.23 -22.81
N LEU C 98 9.85 -19.20 -23.41
CA LEU C 98 11.27 -19.32 -23.27
C LEU C 98 12.02 -18.44 -24.28
N LEU C 99 12.96 -17.62 -23.81
CA LEU C 99 13.76 -16.77 -24.69
C LEU C 99 15.21 -17.17 -24.60
N GLY C 100 16.07 -16.49 -25.32
CA GLY C 100 17.51 -16.77 -25.27
C GLY C 100 18.17 -15.99 -24.15
N LEU C 101 19.47 -15.85 -24.27
CA LEU C 101 20.29 -15.11 -23.29
C LEU C 101 19.90 -13.65 -23.13
N SER C 102 20.09 -13.11 -21.93
CA SER C 102 20.00 -11.68 -21.75
C SER C 102 21.17 -11.03 -22.48
N THR C 103 21.02 -9.75 -22.77
CA THR C 103 22.07 -8.99 -23.45
C THR C 103 23.28 -8.97 -22.58
N TYR C 104 23.06 -8.91 -21.26
CA TYR C 104 24.15 -8.97 -20.28
C TYR C 104 24.93 -10.27 -20.41
N ASP C 105 24.23 -11.41 -20.39
CA ASP C 105 24.92 -12.70 -20.53
C ASP C 105 25.61 -12.90 -21.87
N PHE C 106 25.06 -12.33 -22.93
CA PHE C 106 25.73 -12.40 -24.20
C PHE C 106 27.06 -11.64 -24.20
N ILE C 107 27.03 -10.41 -23.69
CA ILE C 107 28.24 -9.59 -23.61
C ILE C 107 29.29 -10.33 -22.80
N LYS C 108 28.87 -10.85 -21.65
CA LYS C 108 29.75 -11.58 -20.75
C LYS C 108 30.39 -12.77 -21.41
N GLU C 109 29.58 -13.60 -22.04
CA GLU C 109 30.08 -14.78 -22.72
C GLU C 109 30.86 -14.49 -23.99
N ASN C 110 30.83 -13.25 -24.46
CA ASN C 110 31.67 -12.81 -25.55
C ASN C 110 32.93 -12.08 -25.08
N GLY C 111 33.27 -12.22 -23.80
CA GLY C 111 34.50 -11.64 -23.27
C GLY C 111 34.40 -10.15 -23.02
N PHE C 112 33.20 -9.67 -22.76
CA PHE C 112 32.95 -8.26 -22.50
C PHE C 112 33.38 -7.38 -23.66
N LEU C 113 33.00 -7.81 -24.85
CA LEU C 113 33.11 -6.99 -26.03
C LEU C 113 31.77 -6.31 -26.32
N PRO C 114 31.83 -5.14 -26.96
CA PRO C 114 30.60 -4.44 -27.30
C PRO C 114 29.86 -5.10 -28.47
N PHE C 115 28.60 -4.76 -28.60
CA PHE C 115 27.84 -5.09 -29.79
C PHE C 115 28.24 -4.18 -30.96
N ARG C 116 28.09 -4.69 -32.17
CA ARG C 116 28.26 -3.87 -33.37
C ARG C 116 27.17 -2.82 -33.44
N LEU C 117 27.47 -1.73 -34.11
CA LEU C 117 26.61 -0.56 -34.09
C LEU C 117 25.27 -0.81 -34.75
N ASP C 118 25.27 -1.54 -35.86
CA ASP C 118 24.00 -1.90 -36.51
C ASP C 118 23.11 -2.76 -35.60
N HIS C 119 23.70 -3.64 -34.80
CA HIS C 119 22.90 -4.37 -33.83
C HIS C 119 22.38 -3.46 -32.73
N ILE C 120 23.23 -2.56 -32.25
CA ILE C 120 22.80 -1.62 -31.24
C ILE C 120 21.61 -0.83 -31.77
N ARG C 121 21.64 -0.47 -33.05
CA ARG C 121 20.58 0.36 -33.60
C ARG C 121 19.24 -0.38 -33.54
N LYS C 122 19.26 -1.63 -33.96
CA LYS C 122 18.07 -2.45 -33.96
C LYS C 122 17.56 -2.67 -32.55
N MET C 123 18.45 -3.01 -31.64
CA MET C 123 18.05 -3.34 -30.28
C MET C 123 17.51 -2.09 -29.61
N ALA C 124 18.21 -0.98 -29.82
CA ALA C 124 17.80 0.30 -29.23
C ALA C 124 16.40 0.72 -29.70
N TYR C 125 16.13 0.50 -30.96
CA TYR C 125 14.83 0.80 -31.46
C TYR C 125 13.78 -0.05 -30.77
N GLN C 126 14.00 -1.36 -30.70
CA GLN C 126 13.02 -2.28 -30.06
C GLN C 126 12.81 -1.98 -28.62
N ILE C 127 13.89 -1.67 -27.92
CA ILE C 127 13.75 -1.34 -26.52
C ILE C 127 12.90 -0.08 -26.39
N CYS C 128 13.20 0.96 -27.18
CA CYS C 128 12.44 2.22 -27.12
C CYS C 128 10.99 2.01 -27.48
N LYS C 129 10.77 1.21 -28.48
CA LYS C 129 9.39 0.89 -28.91
C LYS C 129 8.66 0.13 -27.81
N SER C 130 9.35 -0.81 -27.16
CA SER C 130 8.72 -1.59 -26.12
C SER C 130 8.39 -0.73 -24.92
N VAL C 131 9.38 -0.01 -24.42
CA VAL C 131 9.15 0.76 -23.22
C VAL C 131 8.17 1.91 -23.49
N ASN C 132 8.15 2.44 -24.73
CA ASN C 132 7.20 3.50 -25.06
C ASN C 132 5.79 2.96 -25.04
N PHE C 133 5.65 1.70 -25.42
CA PHE C 133 4.37 0.99 -25.28
C PHE C 133 3.94 0.92 -23.82
N LEU C 134 4.87 0.65 -22.93
CA LEU C 134 4.58 0.74 -21.50
C LEU C 134 4.13 2.11 -21.14
N HIS C 135 4.88 3.10 -21.57
CA HIS C 135 4.54 4.52 -21.30
C HIS C 135 3.14 4.89 -21.79
N SER C 136 2.77 4.40 -22.97
CA SER C 136 1.40 4.59 -23.50
C SER C 136 0.35 3.97 -22.64
N ASN C 137 0.71 2.92 -21.91
CA ASN C 137 -0.23 2.25 -21.00
C ASN C 137 -0.13 2.71 -19.58
N LYS C 138 0.43 3.88 -19.39
CA LYS C 138 0.45 4.54 -18.11
C LYS C 138 1.25 3.74 -17.13
N LEU C 139 2.36 3.20 -17.61
CA LEU C 139 3.31 2.42 -16.80
C LEU C 139 4.72 2.93 -16.95
N THR C 140 5.48 2.80 -15.86
CA THR C 140 6.92 3.00 -15.81
C THR C 140 7.60 1.67 -15.35
N HIS C 141 8.65 1.23 -16.03
CA HIS C 141 9.28 -0.06 -15.73
C HIS C 141 10.11 0.00 -14.44
N THR C 142 10.99 1.00 -14.38
CA THR C 142 11.81 1.35 -13.20
C THR C 142 13.10 0.55 -13.07
N ASP C 143 13.23 -0.57 -13.74
CA ASP C 143 14.38 -1.44 -13.53
C ASP C 143 14.95 -1.98 -14.81
N LEU C 144 15.07 -1.09 -15.79
CA LEU C 144 15.63 -1.48 -17.07
C LEU C 144 17.13 -1.60 -16.92
N LYS C 145 17.69 -2.66 -17.48
CA LYS C 145 19.13 -2.90 -17.44
C LYS C 145 19.40 -4.06 -18.36
N PRO C 146 20.65 -4.31 -18.68
CA PRO C 146 20.89 -5.34 -19.69
C PRO C 146 20.40 -6.75 -19.31
N GLU C 147 20.45 -7.07 -18.03
CA GLU C 147 19.94 -8.38 -17.53
C GLU C 147 18.46 -8.55 -17.90
N ASN C 148 17.73 -7.45 -18.02
CA ASN C 148 16.28 -7.48 -18.31
C ASN C 148 15.90 -7.30 -19.76
N ILE C 149 16.88 -7.36 -20.64
CA ILE C 149 16.61 -7.35 -22.04
C ILE C 149 17.13 -8.65 -22.55
N LEU C 150 16.28 -9.40 -23.21
CA LEU C 150 16.63 -10.72 -23.60
C LEU C 150 16.48 -10.87 -25.07
N PHE C 151 17.40 -11.58 -25.67
CA PHE C 151 17.27 -11.97 -27.03
C PHE C 151 16.18 -13.03 -27.15
N VAL C 152 15.38 -12.89 -28.20
CA VAL C 152 14.35 -13.85 -28.54
C VAL C 152 15.04 -15.15 -28.90
N GLN C 153 16.08 -15.09 -29.69
CA GLN C 153 16.94 -16.23 -29.88
C GLN C 153 18.37 -15.77 -29.95
N SER C 154 19.23 -16.52 -29.30
CA SER C 154 20.62 -16.15 -29.16
C SER C 154 21.53 -17.14 -29.91
N ASP C 155 20.95 -17.86 -30.90
CA ASP C 155 21.78 -18.58 -31.87
C ASP C 155 22.79 -17.56 -32.47
N TYR C 156 23.89 -18.07 -33.00
CA TYR C 156 25.09 -17.27 -33.26
C TYR C 156 26.00 -17.95 -34.29
N THR C 157 26.95 -17.21 -34.84
CA THR C 157 28.07 -17.78 -35.59
C THR C 157 29.36 -17.25 -34.99
N GLU C 158 30.43 -18.00 -35.14
CA GLU C 158 31.69 -17.72 -34.48
C GLU C 158 32.79 -17.70 -35.53
N ALA C 159 33.54 -16.60 -35.58
CA ALA C 159 34.64 -16.46 -36.53
C ALA C 159 35.87 -15.92 -35.80
N TYR C 160 37.05 -16.42 -36.17
CA TYR C 160 38.30 -15.77 -35.75
C TYR C 160 38.27 -14.31 -36.27
N ASN C 161 38.83 -13.40 -35.50
CA ASN C 161 38.74 -11.98 -35.80
C ASN C 161 40.08 -11.30 -35.49
N PRO C 162 40.96 -11.13 -36.50
CA PRO C 162 42.29 -10.57 -36.26
C PRO C 162 42.30 -9.10 -35.79
N LYS C 163 41.17 -8.41 -35.88
CA LYS C 163 41.01 -7.11 -35.21
C LYS C 163 41.16 -7.24 -33.68
N ILE C 164 40.44 -8.19 -33.10
CA ILE C 164 40.57 -8.54 -31.67
C ILE C 164 41.66 -9.61 -31.41
N LYS C 165 42.22 -10.18 -32.49
CA LYS C 165 43.16 -11.31 -32.41
C LYS C 165 42.58 -12.50 -31.63
N ARG C 166 41.25 -12.59 -31.59
CA ARG C 166 40.55 -13.61 -30.81
C ARG C 166 39.31 -14.08 -31.57
N ASP C 167 38.83 -15.28 -31.25
CA ASP C 167 37.55 -15.76 -31.80
C ASP C 167 36.41 -14.94 -31.23
N GLU C 168 35.28 -14.96 -31.94
CA GLU C 168 34.21 -14.00 -31.68
C GLU C 168 32.86 -14.51 -32.16
N ARG C 169 31.84 -14.30 -31.34
CA ARG C 169 30.49 -14.75 -31.64
C ARG C 169 29.72 -13.56 -32.22
N THR C 170 29.02 -13.79 -33.32
CA THR C 170 28.10 -12.79 -33.83
C THR C 170 26.67 -13.30 -33.82
N LEU C 171 25.75 -12.47 -33.35
CA LEU C 171 24.33 -12.81 -33.32
C LEU C 171 23.79 -12.95 -34.70
N ILE C 172 22.94 -13.93 -34.89
CA ILE C 172 22.16 -14.02 -36.10
C ILE C 172 21.03 -13.01 -36.02
N ASN C 173 20.14 -13.20 -35.06
CA ASN C 173 18.94 -12.41 -34.92
C ASN C 173 19.05 -11.54 -33.66
N PRO C 174 19.07 -10.21 -33.82
CA PRO C 174 19.22 -9.38 -32.63
C PRO C 174 17.91 -8.96 -31.99
N ASP C 175 16.79 -9.55 -32.39
CA ASP C 175 15.52 -9.21 -31.75
C ASP C 175 15.55 -9.47 -30.24
N ILE C 176 14.84 -8.63 -29.50
CA ILE C 176 14.82 -8.69 -28.08
C ILE C 176 13.42 -8.57 -27.50
N LYS C 177 13.27 -8.96 -26.22
CA LYS C 177 12.07 -8.67 -25.46
C LYS C 177 12.46 -8.16 -24.10
N VAL C 178 11.56 -7.42 -23.48
CA VAL C 178 11.80 -6.84 -22.20
C VAL C 178 11.12 -7.73 -21.17
N VAL C 179 11.84 -8.04 -20.09
CA VAL C 179 11.29 -8.86 -19.01
C VAL C 179 11.35 -8.12 -17.70
N ASP C 180 10.75 -8.74 -16.68
CA ASP C 180 10.75 -8.30 -15.31
C ASP C 180 9.91 -7.07 -15.02
N PHE C 181 8.63 -7.32 -14.76
CA PHE C 181 7.69 -6.28 -14.48
C PHE C 181 7.27 -6.18 -13.04
N GLY C 182 8.09 -6.71 -12.16
CA GLY C 182 7.76 -6.70 -10.73
C GLY C 182 7.93 -5.40 -10.02
N SER C 183 8.61 -4.44 -10.66
CA SER C 183 8.71 -3.08 -10.13
C SER C 183 7.87 -2.08 -10.92
N ALA C 184 7.22 -2.53 -11.97
CA ALA C 184 6.52 -1.64 -12.90
C ALA C 184 5.40 -0.97 -12.17
N THR C 185 5.22 0.32 -12.39
CA THR C 185 4.27 1.12 -11.62
C THR C 185 3.32 1.89 -12.53
N TYR C 186 2.04 1.87 -12.21
CA TYR C 186 1.04 2.73 -12.89
C TYR C 186 1.09 4.19 -12.42
N ASP C 187 0.77 5.11 -13.33
CA ASP C 187 0.72 6.56 -13.03
C ASP C 187 -0.13 6.88 -11.81
N ASP C 188 -1.25 6.16 -11.68
CA ASP C 188 -2.21 6.42 -10.61
C ASP C 188 -1.91 5.61 -9.34
N GLU C 189 -0.95 4.68 -9.41
CA GLU C 189 -0.41 4.05 -8.21
C GLU C 189 0.49 5.04 -7.51
N HIS C 190 0.78 4.73 -6.25
CA HIS C 190 1.76 5.49 -5.53
C HIS C 190 3.15 5.25 -6.09
N HIS C 191 3.89 6.34 -6.22
CA HIS C 191 5.30 6.32 -6.56
C HIS C 191 6.11 6.68 -5.32
N SER C 192 6.47 5.69 -4.54
CA SER C 192 7.38 5.90 -3.44
C SER C 192 8.63 6.61 -3.99
N THR C 193 9.04 7.72 -3.36
CA THR C 193 10.43 8.24 -3.54
C THR C 193 11.46 7.23 -2.96
N LEU C 194 10.95 6.07 -2.55
CA LEU C 194 11.75 5.02 -1.98
C LEU C 194 11.85 3.92 -3.01
N VAL C 195 13.08 3.60 -3.43
CA VAL C 195 13.36 2.56 -4.44
C VAL C 195 14.42 1.56 -3.94
N SER C 196 14.37 0.28 -4.37
CA SER C 196 15.30 -0.80 -3.96
C SER C 196 16.62 -0.67 -4.71
N THR C 197 17.49 -1.66 -4.64
CA THR C 197 18.70 -1.71 -5.47
C THR C 197 18.30 -1.61 -6.97
N ARG C 198 18.74 -0.55 -7.69
CA ARG C 198 18.79 -0.46 -9.20
C ARG C 198 20.19 -0.02 -9.58
N HIS C 199 20.81 -0.75 -10.49
CA HIS C 199 22.14 -0.38 -10.99
C HIS C 199 22.11 0.86 -11.97
N TYR C 200 20.92 1.28 -12.44
CA TYR C 200 20.78 2.23 -13.59
C TYR C 200 19.83 3.40 -13.25
N ARG C 201 20.15 4.02 -12.13
CA ARG C 201 19.23 4.89 -11.44
C ARG C 201 19.39 6.36 -11.84
N ALA C 202 18.26 7.00 -12.12
CA ALA C 202 18.25 8.39 -12.57
C ALA C 202 18.57 9.33 -11.43
N PRO C 203 19.13 10.52 -11.75
CA PRO C 203 19.43 11.52 -10.73
C PRO C 203 18.22 12.04 -9.94
N GLU C 204 17.03 12.05 -10.54
CA GLU C 204 15.85 12.46 -9.78
C GLU C 204 15.48 11.41 -8.72
N VAL C 205 15.81 10.16 -8.99
CA VAL C 205 15.56 9.08 -8.05
C VAL C 205 16.56 9.19 -6.90
N ILE C 206 17.85 9.20 -7.23
CA ILE C 206 18.91 9.34 -6.23
C ILE C 206 18.68 10.54 -5.32
N LEU C 207 18.16 11.64 -5.86
CA LEU C 207 17.92 12.85 -5.09
C LEU C 207 16.49 12.95 -4.54
N ALA C 208 15.69 11.91 -4.77
CA ALA C 208 14.34 11.83 -4.19
C ALA C 208 13.50 13.04 -4.55
N LEU C 209 13.48 13.37 -5.83
CA LEU C 209 12.73 14.52 -6.30
C LEU C 209 11.40 14.14 -6.97
N GLY C 210 11.09 12.85 -6.97
CA GLY C 210 9.95 12.33 -7.70
C GLY C 210 10.44 11.78 -9.02
N TRP C 211 9.68 10.86 -9.58
CA TRP C 211 10.07 10.22 -10.82
C TRP C 211 8.83 9.67 -11.50
N SER C 212 8.94 9.42 -12.78
CA SER C 212 7.90 8.75 -13.56
C SER C 212 8.59 8.25 -14.81
N GLN C 213 7.88 8.25 -15.95
CA GLN C 213 8.41 7.69 -17.20
C GLN C 213 9.85 8.09 -17.54
N PRO C 214 10.21 9.38 -17.33
CA PRO C 214 11.54 9.79 -17.74
C PRO C 214 12.69 8.99 -17.11
N CYS C 215 12.47 8.36 -15.96
CA CYS C 215 13.55 7.63 -15.30
C CYS C 215 13.90 6.36 -16.08
N ASP C 216 12.94 5.82 -16.81
CA ASP C 216 13.21 4.75 -17.77
C ASP C 216 14.15 5.20 -18.87
N VAL C 217 13.97 6.44 -19.35
CA VAL C 217 14.76 6.95 -20.46
C VAL C 217 16.18 7.09 -20.01
N TRP C 218 16.39 7.58 -18.80
CA TRP C 218 17.74 7.63 -18.28
C TRP C 218 18.38 6.23 -18.34
N SER C 219 17.63 5.23 -17.95
CA SER C 219 18.17 3.89 -17.85
C SER C 219 18.56 3.39 -19.21
N ILE C 220 17.69 3.65 -20.17
CA ILE C 220 17.98 3.24 -21.54
C ILE C 220 19.29 3.87 -22.06
N GLY C 221 19.51 5.13 -21.75
CA GLY C 221 20.75 5.79 -22.08
C GLY C 221 21.96 5.04 -21.57
N CYS C 222 21.86 4.60 -20.33
CA CYS C 222 22.97 3.87 -19.67
C CYS C 222 23.20 2.54 -20.36
N ILE C 223 22.10 1.90 -20.71
CA ILE C 223 22.17 0.63 -21.43
C ILE C 223 22.86 0.79 -22.76
N LEU C 224 22.47 1.83 -23.52
CA LEU C 224 23.05 1.99 -24.82
C LEU C 224 24.54 2.20 -24.73
N ILE C 225 25.00 2.97 -23.76
CA ILE C 225 26.42 3.22 -23.67
C ILE C 225 27.20 1.93 -23.28
N GLU C 226 26.57 1.06 -22.53
CA GLU C 226 27.21 -0.24 -22.18
C GLU C 226 27.26 -1.23 -23.34
N TYR C 227 26.20 -1.28 -24.15
CA TYR C 227 26.26 -2.00 -25.39
C TYR C 227 27.40 -1.51 -26.29
N TYR C 228 27.66 -0.19 -26.29
CA TYR C 228 28.69 0.39 -27.13
C TYR C 228 30.07 0.10 -26.61
N LEU C 229 30.21 0.11 -25.30
CA LEU C 229 31.56 -0.04 -24.66
C LEU C 229 31.83 -1.49 -24.26
N GLY C 230 30.78 -2.23 -23.95
CA GLY C 230 30.94 -3.60 -23.47
C GLY C 230 31.29 -3.69 -21.98
N PHE C 231 31.25 -2.56 -21.28
CA PHE C 231 31.37 -2.53 -19.84
C PHE C 231 30.45 -1.49 -19.26
N THR C 232 30.25 -1.60 -17.95
CA THR C 232 29.33 -0.77 -17.19
C THR C 232 29.90 0.63 -16.99
N VAL C 233 29.07 1.63 -17.23
CA VAL C 233 29.56 2.99 -17.28
C VAL C 233 29.66 3.58 -15.88
N PHE C 234 28.77 3.17 -15.00
CA PHE C 234 28.78 3.62 -13.61
C PHE C 234 29.06 2.47 -12.64
N PRO C 235 30.29 1.96 -12.61
CA PRO C 235 30.58 0.77 -11.80
C PRO C 235 30.72 1.11 -10.32
N THR C 236 29.60 1.15 -9.60
CA THR C 236 29.64 1.56 -8.21
C THR C 236 28.37 1.16 -7.50
N HIS C 237 28.48 1.07 -6.19
CA HIS C 237 27.35 0.74 -5.34
C HIS C 237 27.19 1.80 -4.24
N ASP C 238 27.76 2.99 -4.47
CA ASP C 238 27.62 4.14 -3.57
C ASP C 238 26.96 5.27 -4.34
N SER C 239 25.95 5.89 -3.74
CA SER C 239 25.21 6.97 -4.38
C SER C 239 26.04 8.24 -4.62
N LYS C 240 26.90 8.57 -3.68
CA LYS C 240 27.73 9.78 -3.83
C LYS C 240 28.73 9.58 -4.95
N GLU C 241 29.36 8.41 -4.96
CA GLU C 241 30.35 8.07 -5.98
C GLU C 241 29.71 8.04 -7.37
N HIS C 242 28.47 7.59 -7.41
CA HIS C 242 27.71 7.57 -8.63
C HIS C 242 27.49 9.00 -9.15
N LEU C 243 27.09 9.90 -8.26
CA LEU C 243 26.91 11.30 -8.62
C LEU C 243 28.23 11.91 -9.10
N ALA C 244 29.32 11.54 -8.45
CA ALA C 244 30.64 12.01 -8.87
C ALA C 244 30.96 11.53 -10.30
N MET C 245 30.65 10.28 -10.58
CA MET C 245 30.82 9.77 -11.90
C MET C 245 29.95 10.53 -12.91
N MET C 246 28.69 10.82 -12.58
CA MET C 246 27.84 11.62 -13.46
C MET C 246 28.48 12.97 -13.79
N GLU C 247 29.07 13.63 -12.79
CA GLU C 247 29.68 14.94 -12.99
C GLU C 247 30.85 14.86 -13.93
N ARG C 248 31.69 13.86 -13.75
CA ARG C 248 32.85 13.68 -14.61
C ARG C 248 32.48 13.41 -16.09
N ILE C 249 31.39 12.70 -16.31
CA ILE C 249 30.97 12.30 -17.65
C ILE C 249 30.05 13.33 -18.30
N LEU C 250 29.11 13.87 -17.51
CA LEU C 250 28.07 14.73 -18.03
C LEU C 250 28.20 16.19 -17.60
N GLY C 251 29.18 16.51 -16.76
CA GLY C 251 29.28 17.85 -16.16
C GLY C 251 28.45 18.00 -14.88
N PRO C 252 28.51 19.19 -14.26
CA PRO C 252 27.87 19.41 -12.98
C PRO C 252 26.33 19.43 -13.02
N LEU C 253 25.71 19.08 -11.90
CA LEU C 253 24.26 18.99 -11.82
C LEU C 253 23.62 20.36 -11.76
N PRO C 254 22.43 20.49 -12.33
CA PRO C 254 21.75 21.79 -12.31
C PRO C 254 21.48 22.28 -10.90
N LYS C 255 21.75 23.58 -10.65
CA LYS C 255 21.56 24.17 -9.32
C LYS C 255 20.15 23.91 -8.81
N HIS C 256 19.15 24.01 -9.67
CA HIS C 256 17.77 23.92 -9.20
C HIS C 256 17.44 22.55 -8.62
N MET C 257 18.08 21.51 -9.15
CA MET C 257 17.88 20.18 -8.58
C MET C 257 18.59 20.02 -7.23
N ILE C 258 19.80 20.55 -7.15
CA ILE C 258 20.57 20.50 -5.90
C ILE C 258 19.82 21.18 -4.75
N GLN C 259 19.47 22.45 -4.93
CA GLN C 259 18.73 23.21 -3.91
C GLN C 259 17.50 22.45 -3.43
N LYS C 260 16.85 21.75 -4.35
CA LYS C 260 15.55 21.17 -4.09
C LYS C 260 15.56 19.82 -3.33
N THR C 261 16.68 19.09 -3.36
CA THR C 261 16.71 17.74 -2.79
C THR C 261 16.71 17.73 -1.26
N ARG C 262 16.08 16.71 -0.67
CA ARG C 262 16.10 16.47 0.78
C ARG C 262 17.34 15.69 1.22
N LYS C 263 18.14 15.22 0.27
CA LYS C 263 19.31 14.40 0.57
C LYS C 263 20.58 15.26 0.54
N ARG C 264 20.67 16.24 1.45
CA ARG C 264 21.81 17.18 1.49
C ARG C 264 23.15 16.45 1.68
N LYS C 265 23.06 15.27 2.29
CA LYS C 265 24.07 14.22 2.26
C LYS C 265 24.59 13.97 0.85
N CYS C 288 36.25 7.50 -15.43
CA CYS C 288 35.21 8.30 -16.06
C CYS C 288 35.85 9.50 -16.78
N LYS C 289 35.26 9.89 -17.92
CA LYS C 289 35.71 11.04 -18.73
C LYS C 289 34.50 11.64 -19.47
N PRO C 290 34.65 12.82 -20.09
CA PRO C 290 33.52 13.42 -20.82
C PRO C 290 32.89 12.50 -21.88
N LEU C 291 31.57 12.44 -21.89
CA LEU C 291 30.83 11.46 -22.69
C LEU C 291 31.41 11.21 -24.08
N LYS C 292 31.62 12.27 -24.84
CA LYS C 292 32.03 12.12 -26.24
C LYS C 292 33.42 11.52 -26.37
N GLU C 293 34.25 11.60 -25.33
CA GLU C 293 35.58 10.96 -25.38
C GLU C 293 35.50 9.44 -25.40
N PHE C 294 34.34 8.88 -25.04
CA PHE C 294 34.12 7.43 -25.13
C PHE C 294 33.92 6.89 -26.53
N MET C 295 33.72 7.79 -27.49
CA MET C 295 33.47 7.41 -28.87
C MET C 295 34.69 6.71 -29.42
N LEU C 296 34.45 5.66 -30.20
CA LEU C 296 35.52 4.90 -30.82
C LEU C 296 35.75 5.30 -32.28
N SER C 297 34.91 6.19 -32.79
CA SER C 297 35.02 6.63 -34.18
C SER C 297 34.29 7.95 -34.35
N GLN C 298 34.74 8.75 -35.31
CA GLN C 298 34.12 10.04 -35.61
C GLN C 298 33.03 9.92 -36.67
N ASP C 299 32.91 8.73 -37.25
CA ASP C 299 31.86 8.42 -38.20
C ASP C 299 30.52 8.95 -37.70
N VAL C 300 29.72 9.42 -38.64
CA VAL C 300 28.47 10.06 -38.33
C VAL C 300 27.51 9.14 -37.57
N GLU C 301 27.45 7.86 -37.92
CA GLU C 301 26.54 6.96 -37.19
C GLU C 301 26.87 6.90 -35.70
N HIS C 302 28.15 6.90 -35.39
CA HIS C 302 28.56 6.96 -34.00
C HIS C 302 28.14 8.27 -33.35
N GLU C 303 28.32 9.39 -34.07
CA GLU C 303 27.92 10.68 -33.54
C GLU C 303 26.41 10.76 -33.34
N ARG C 304 25.66 10.13 -34.23
CA ARG C 304 24.22 10.10 -34.08
C ARG C 304 23.79 9.34 -32.84
N LEU C 305 24.41 8.20 -32.60
CA LEU C 305 24.14 7.47 -31.36
C LEU C 305 24.45 8.31 -30.13
N PHE C 306 25.62 8.94 -30.12
CA PHE C 306 26.04 9.69 -28.94
C PHE C 306 25.23 10.92 -28.69
N ASP C 307 24.64 11.46 -29.74
CA ASP C 307 23.74 12.57 -29.59
C ASP C 307 22.49 12.07 -28.90
N LEU C 308 21.98 10.93 -29.32
CA LEU C 308 20.78 10.37 -28.71
C LEU C 308 21.02 10.01 -27.24
N ILE C 309 22.14 9.36 -26.98
CA ILE C 309 22.50 9.03 -25.60
C ILE C 309 22.51 10.29 -24.73
N GLN C 310 23.19 11.31 -25.21
CA GLN C 310 23.28 12.56 -24.47
C GLN C 310 21.91 13.15 -24.15
N LYS C 311 20.98 13.02 -25.07
CA LYS C 311 19.65 13.50 -24.80
C LYS C 311 18.91 12.66 -23.79
N MET C 312 19.22 11.38 -23.76
CA MET C 312 18.66 10.50 -22.75
C MET C 312 19.21 10.79 -21.37
N LEU C 313 20.47 11.25 -21.32
CA LEU C 313 21.14 11.47 -20.05
C LEU C 313 21.11 12.94 -19.64
N GLU C 314 20.03 13.62 -20.04
CA GLU C 314 19.78 14.95 -19.58
C GLU C 314 19.40 14.83 -18.10
N TYR C 315 20.10 15.59 -17.27
CA TYR C 315 19.85 15.62 -15.83
C TYR C 315 18.39 15.90 -15.42
N ASP C 316 17.80 16.92 -16.00
CA ASP C 316 16.46 17.34 -15.61
C ASP C 316 15.42 16.48 -16.28
N PRO C 317 14.59 15.77 -15.50
CA PRO C 317 13.65 14.87 -16.16
C PRO C 317 12.58 15.60 -16.98
N ALA C 318 12.30 16.83 -16.64
CA ALA C 318 11.34 17.61 -17.39
C ALA C 318 11.87 17.99 -18.78
N LYS C 319 13.19 18.04 -18.94
CA LYS C 319 13.83 18.35 -20.23
C LYS C 319 14.25 17.13 -21.04
N ARG C 320 14.27 15.95 -20.40
CA ARG C 320 14.83 14.79 -21.00
C ARG C 320 13.96 14.35 -22.18
N ILE C 321 14.61 13.84 -23.21
CA ILE C 321 13.90 13.38 -24.37
C ILE C 321 12.93 12.26 -23.99
N THR C 322 11.75 12.27 -24.59
CA THR C 322 10.80 11.14 -24.43
C THR C 322 11.08 10.07 -25.47
N LEU C 323 10.55 8.89 -25.26
CA LEU C 323 10.77 7.80 -26.19
C LEU C 323 10.02 8.02 -27.46
N ARG C 324 8.85 8.63 -27.38
CA ARG C 324 8.17 9.09 -28.57
C ARG C 324 9.11 9.91 -29.49
N GLU C 325 9.81 10.89 -28.92
CA GLU C 325 10.76 11.68 -29.69
C GLU C 325 11.96 10.81 -30.12
N ALA C 326 12.43 9.94 -29.23
CA ALA C 326 13.66 9.23 -29.49
C ALA C 326 13.53 8.33 -30.70
N LEU C 327 12.32 7.80 -30.91
CA LEU C 327 12.04 6.91 -32.03
C LEU C 327 12.12 7.60 -33.39
N LYS C 328 12.08 8.92 -33.40
CA LYS C 328 12.29 9.70 -34.63
C LYS C 328 13.72 10.22 -34.74
N HIS C 329 14.61 9.78 -33.87
CA HIS C 329 15.96 10.31 -33.90
C HIS C 329 16.70 9.73 -35.12
N PRO C 330 17.57 10.52 -35.73
CA PRO C 330 18.30 10.19 -36.98
C PRO C 330 19.06 8.89 -36.92
N PHE C 331 19.55 8.55 -35.72
CA PHE C 331 20.18 7.25 -35.47
C PHE C 331 19.32 6.09 -35.96
N PHE C 332 18.00 6.25 -35.93
CA PHE C 332 17.17 5.19 -36.43
C PHE C 332 16.84 5.24 -37.93
N ASP C 333 17.17 6.32 -38.62
CA ASP C 333 16.83 6.42 -40.03
C ASP C 333 17.22 5.16 -40.82
N LEU C 334 18.40 4.61 -40.56
CA LEU C 334 18.86 3.47 -41.34
C LEU C 334 17.90 2.28 -41.25
N LEU C 335 17.08 2.19 -40.21
CA LEU C 335 16.06 1.12 -40.12
C LEU C 335 14.79 1.38 -40.93
N LYS C 336 14.74 2.49 -41.67
CA LYS C 336 13.49 2.88 -42.28
C LYS C 336 13.65 3.01 -43.77
N LYS C 337 12.60 2.65 -44.51
CA LYS C 337 12.57 2.85 -45.97
C LYS C 337 12.61 4.37 -46.22
N SER C 338 13.52 4.81 -47.09
CA SER C 338 13.97 6.20 -47.09
C SER C 338 13.27 7.04 -48.13
#